data_5LP4
#
_entry.id   5LP4
#
_cell.length_a   71.397
_cell.length_b   140.965
_cell.length_c   81.297
_cell.angle_alpha   90.00
_cell.angle_beta   101.67
_cell.angle_gamma   90.00
#
_symmetry.space_group_name_H-M   'P 1 21 1'
#
loop_
_entity.id
_entity.type
_entity.pdbx_description
1 polymer 'Penicillin-binding protein 2 (Pbp2)'
2 non-polymer 'SULFATE ION'
3 water water
#
_entity_poly.entity_id   1
_entity_poly.type   'polypeptide(L)'
_entity_poly.pdbx_seq_one_letter_code
;MKNLRYKLLLFVFIGFWGLLALNLFILSVKNQEYYEKLAERNMTKKEFLVPTRGNITDRNDEFLATNELVFGVFLPSGLK
QKDLLEKIEIIQKFFPNFSKETLLNNYQKENSLYNHNLIKVVGFIPYATMQPLYAKLIQTQGIFALPLDKRYYPNNALAS
HVLGYVGVASLQDLKDDEENQYSQIVGKTGIEKEYNKLLQGKVGYKIMRVNALNQELATLEVVLPSTNNHLQLSLDKRLQ
KEADKLFENKRGAILVMDAENGELLVAGSYPEYNLNDFVGGISQDKWQKLQDDIYNPLLNRFANALYPPGSVVKMGVGLS
FLENLHITENTTIPTPPFIEVGKHKFRDWKKTGHGNSNLYKAIRESVDVYFYKFGLEISIEKLSKTLREVGFGEKTGVDL
PNEFVGIVPDNLWKLKRFNQDWRVGDTLITAIGQGSFLATPLQVLAYTGLIATGKLATPHFAINNKQPLKDPLNSFQKKK
LQALRVGMYEVCNHKDGTAYHSTRGSKITLACKTGTAQVVEIAQNIVNRMKEKDMEYFHRSHAWITAFLPYEKPKYAITI
LVEHGEGGSKLGGLLVKMSNKLYELGYLHHHHHH
;
_entity_poly.pdbx_strand_id   A,B
#
# COMPACT_ATOMS: atom_id res chain seq x y z
N LYS A 45 19.29 -5.32 -5.15
CA LYS A 45 18.43 -4.41 -5.97
C LYS A 45 16.93 -4.46 -5.56
N LYS A 46 16.52 -3.52 -4.72
CA LYS A 46 15.17 -3.50 -4.18
C LYS A 46 14.22 -2.60 -5.00
N GLU A 47 12.96 -3.03 -5.08
CA GLU A 47 11.91 -2.27 -5.76
C GLU A 47 10.85 -1.72 -4.81
N PHE A 48 10.20 -0.65 -5.25
CA PHE A 48 9.31 0.13 -4.41
C PHE A 48 8.06 0.57 -5.15
N LEU A 49 6.96 0.49 -4.41
CA LEU A 49 5.69 1.03 -4.84
C LEU A 49 5.64 2.48 -4.42
N VAL A 50 6.06 3.35 -5.31
CA VAL A 50 6.13 4.76 -5.02
C VAL A 50 4.83 5.43 -5.37
N PRO A 51 4.19 6.07 -4.36
CA PRO A 51 2.97 6.83 -4.60
C PRO A 51 3.23 8.09 -5.42
N THR A 52 2.46 8.21 -6.51
CA THR A 52 2.55 9.34 -7.41
C THR A 52 1.14 9.81 -7.75
N ARG A 53 1.06 10.84 -8.59
CA ARG A 53 -0.21 11.47 -8.92
C ARG A 53 0.03 12.25 -10.21
N GLY A 54 -1.03 12.51 -10.99
CA GLY A 54 -0.89 13.11 -12.33
C GLY A 54 -0.43 14.57 -12.35
N ASN A 55 0.07 14.99 -13.51
CA ASN A 55 0.44 16.39 -13.71
C ASN A 55 -0.75 17.27 -14.09
N ILE A 56 -0.78 18.50 -13.57
CA ILE A 56 -1.78 19.47 -13.99
C ILE A 56 -1.09 20.61 -14.75
N THR A 57 -1.46 20.82 -16.01
CA THR A 57 -0.77 21.84 -16.84
C THR A 57 -1.69 22.95 -17.33
N ASP A 58 -1.13 24.08 -17.73
CA ASP A 58 -1.93 25.18 -18.28
C ASP A 58 -2.10 24.98 -19.79
N ARG A 59 -2.95 25.77 -20.44
CA ARG A 59 -3.25 25.58 -21.87
C ARG A 59 -2.02 25.56 -22.83
N ASN A 60 -0.83 25.80 -22.29
CA ASN A 60 0.43 25.74 -23.03
C ASN A 60 1.43 24.80 -22.38
N ASP A 61 0.93 23.74 -21.74
CA ASP A 61 1.77 22.67 -21.17
C ASP A 61 2.71 23.12 -20.05
N GLU A 62 2.50 24.33 -19.54
CA GLU A 62 3.29 24.86 -18.45
C GLU A 62 2.77 24.19 -17.19
N PHE A 63 3.68 23.72 -16.34
CA PHE A 63 3.29 22.95 -15.16
C PHE A 63 2.65 23.80 -14.09
N LEU A 64 1.41 23.50 -13.77
CA LEU A 64 0.73 24.10 -12.64
C LEU A 64 0.90 23.20 -11.43
N ALA A 65 0.87 21.89 -11.66
CA ALA A 65 1.05 20.96 -10.57
C ALA A 65 1.79 19.75 -11.05
N THR A 66 2.73 19.28 -10.25
CA THR A 66 3.54 18.15 -10.64
C THR A 66 4.16 17.50 -9.41
N ASN A 67 5.13 16.61 -9.59
CA ASN A 67 5.76 15.90 -8.46
C ASN A 67 7.28 16.13 -8.36
N GLU A 68 7.82 15.98 -7.15
CA GLU A 68 9.28 15.83 -7.01
C GLU A 68 9.53 14.60 -6.20
N LEU A 69 10.57 13.86 -6.57
CA LEU A 69 10.90 12.61 -5.91
C LEU A 69 11.82 12.82 -4.71
N VAL A 70 11.41 12.25 -3.58
CA VAL A 70 12.21 12.33 -2.37
C VAL A 70 12.21 10.97 -1.69
N PHE A 71 12.99 10.83 -0.63
CA PHE A 71 12.87 9.66 0.20
C PHE A 71 12.20 10.06 1.50
N GLY A 72 11.23 9.27 1.97
CA GLY A 72 10.74 9.41 3.31
C GLY A 72 11.52 8.46 4.20
N VAL A 73 11.91 8.91 5.39
CA VAL A 73 12.53 8.01 6.38
C VAL A 73 11.44 7.57 7.35
N PHE A 74 11.29 6.25 7.53
CA PHE A 74 10.17 5.69 8.30
C PHE A 74 10.72 4.92 9.50
N LEU A 75 9.89 4.84 10.53
CA LEU A 75 10.15 4.00 11.70
C LEU A 75 8.98 3.03 11.91
N PRO A 76 9.18 1.94 12.67
CA PRO A 76 8.05 1.01 12.93
C PRO A 76 7.02 1.66 13.81
N SER A 77 5.75 1.35 13.56
CA SER A 77 4.68 1.96 14.35
C SER A 77 4.45 1.14 15.61
N GLY A 78 3.76 1.76 16.58
CA GLY A 78 3.60 1.20 17.92
C GLY A 78 4.93 1.08 18.67
N LEU A 79 5.84 2.01 18.40
CA LEU A 79 7.19 1.92 18.93
C LEU A 79 7.25 2.40 20.36
N LYS A 80 8.11 1.76 21.16
CA LYS A 80 8.29 2.11 22.56
C LYS A 80 8.84 3.53 22.69
N GLN A 81 8.35 4.26 23.68
CA GLN A 81 8.73 5.67 23.90
C GLN A 81 10.26 5.88 24.14
N LYS A 82 10.94 4.82 24.62
CA LYS A 82 12.38 4.84 24.92
C LYS A 82 13.23 4.57 23.66
N ASP A 83 12.87 3.52 22.91
CA ASP A 83 13.44 3.27 21.58
C ASP A 83 13.33 4.49 20.68
N LEU A 84 12.10 5.00 20.55
CA LEU A 84 11.79 6.09 19.63
C LEU A 84 12.85 7.17 19.66
N LEU A 85 13.01 7.79 20.82
CA LEU A 85 13.94 8.90 20.97
C LEU A 85 15.37 8.49 20.64
N GLU A 86 15.71 7.23 20.93
CA GLU A 86 17.03 6.70 20.59
C GLU A 86 17.25 6.52 19.08
N LYS A 87 16.20 6.11 18.39
CA LYS A 87 16.29 5.92 16.95
C LYS A 87 16.18 7.25 16.23
N ILE A 88 15.51 8.21 16.85
CA ILE A 88 15.45 9.55 16.31
C ILE A 88 16.83 10.18 16.35
N GLU A 89 17.57 9.89 17.42
CA GLU A 89 18.92 10.41 17.58
C GLU A 89 19.82 10.01 16.41
N ILE A 90 19.80 8.72 16.09
CA ILE A 90 20.57 8.17 14.98
C ILE A 90 20.25 8.86 13.64
N ILE A 91 18.96 9.13 13.39
CA ILE A 91 18.51 9.78 12.14
C ILE A 91 19.07 11.19 11.94
N GLN A 92 19.05 11.98 13.00
CA GLN A 92 19.56 13.35 12.94
C GLN A 92 21.10 13.39 12.87
N LYS A 93 21.76 12.33 13.32
CA LYS A 93 23.20 12.22 13.11
C LYS A 93 23.53 11.94 11.64
N PHE A 94 22.69 11.13 10.98
CA PHE A 94 22.79 10.90 9.52
C PHE A 94 22.48 12.16 8.75
N PHE A 95 21.36 12.79 9.09
CA PHE A 95 20.93 14.04 8.45
C PHE A 95 20.94 15.19 9.45
N PRO A 96 22.13 15.75 9.72
CA PRO A 96 22.26 16.83 10.69
C PRO A 96 21.56 18.06 10.15
N ASN A 97 20.32 18.19 10.55
CA ASN A 97 19.38 19.09 9.91
C ASN A 97 18.16 19.03 10.77
N PHE A 98 17.57 17.84 10.79
CA PHE A 98 16.28 17.64 11.40
C PHE A 98 16.33 17.92 12.89
N SER A 99 15.35 18.69 13.33
CA SER A 99 15.14 19.03 14.71
C SER A 99 14.61 17.78 15.45
N LYS A 100 15.34 17.32 16.47
CA LYS A 100 14.87 16.19 17.29
C LYS A 100 13.37 16.31 17.62
N GLU A 101 12.89 17.53 17.87
CA GLU A 101 11.48 17.78 18.19
C GLU A 101 10.54 17.55 17.02
N THR A 102 10.93 17.97 15.81
CA THR A 102 10.05 17.84 14.64
C THR A 102 10.03 16.42 14.07
N LEU A 103 11.06 15.61 14.35
CA LEU A 103 11.03 14.17 14.00
C LEU A 103 10.04 13.43 14.90
N LEU A 104 10.28 13.49 16.22
CA LEU A 104 9.33 12.96 17.21
C LEU A 104 7.93 13.40 16.84
N ASN A 105 7.76 14.71 16.68
CA ASN A 105 6.49 15.31 16.31
C ASN A 105 5.91 14.67 15.05
N ASN A 106 6.66 14.69 13.95
CA ASN A 106 6.25 13.98 12.72
C ASN A 106 5.75 12.56 13.01
N TYR A 107 6.62 11.72 13.57
CA TYR A 107 6.24 10.34 13.92
C TYR A 107 4.90 10.25 14.67
N GLN A 108 4.51 11.34 15.35
CA GLN A 108 3.28 11.41 16.14
C GLN A 108 2.10 12.14 15.48
N LYS A 109 2.16 12.40 14.17
CA LYS A 109 0.97 12.96 13.50
C LYS A 109 -0.10 11.87 13.36
N GLU A 110 -1.36 12.27 13.42
CA GLU A 110 -2.47 11.33 13.18
C GLU A 110 -3.20 11.67 11.89
N ASN A 111 -2.51 12.35 10.98
CA ASN A 111 -3.06 12.65 9.67
C ASN A 111 -1.93 12.77 8.68
N SER A 112 -1.03 11.78 8.67
CA SER A 112 0.11 11.75 7.73
C SER A 112 -0.40 11.23 6.41
N LEU A 113 0.17 11.75 5.33
CA LEU A 113 -0.32 11.44 4.01
C LEU A 113 0.31 10.15 3.50
N TYR A 114 1.55 9.89 3.93
CA TYR A 114 2.37 8.82 3.38
C TYR A 114 2.63 7.63 4.32
N ASN A 115 2.12 7.67 5.57
CA ASN A 115 2.27 6.56 6.55
C ASN A 115 1.74 5.21 6.02
N HIS A 116 2.42 4.11 6.38
CA HIS A 116 1.89 2.75 6.09
C HIS A 116 1.03 2.34 7.27
N ASN A 117 0.61 1.07 7.30
CA ASN A 117 -0.04 0.54 8.49
C ASN A 117 1.00 0.28 9.58
N LEU A 118 2.11 -0.37 9.26
CA LEU A 118 3.11 -0.76 10.26
C LEU A 118 4.40 0.09 10.33
N ILE A 119 4.58 1.03 9.41
CA ILE A 119 5.67 2.01 9.48
C ILE A 119 5.19 3.45 9.24
N LYS A 120 5.76 4.40 9.98
CA LYS A 120 5.37 5.81 9.92
C LYS A 120 6.52 6.66 9.44
N VAL A 121 6.19 7.67 8.66
CA VAL A 121 7.18 8.59 8.08
C VAL A 121 7.55 9.68 9.09
N VAL A 122 8.84 9.91 9.30
CA VAL A 122 9.30 10.96 10.22
C VAL A 122 9.93 12.16 9.53
N GLY A 123 10.36 12.02 8.28
CA GLY A 123 10.95 13.15 7.56
C GLY A 123 11.07 12.94 6.07
N PHE A 124 11.26 14.03 5.34
CA PHE A 124 11.38 13.99 3.86
C PHE A 124 12.76 14.46 3.38
N ILE A 125 13.59 13.51 2.94
CA ILE A 125 14.98 13.75 2.52
C ILE A 125 15.08 13.82 0.97
N PRO A 126 15.71 14.90 0.43
CA PRO A 126 15.97 14.97 -1.01
C PRO A 126 16.92 13.88 -1.51
N TYR A 127 16.70 13.45 -2.74
CA TYR A 127 17.46 12.34 -3.30
C TYR A 127 18.98 12.66 -3.27
N ALA A 128 19.31 13.88 -3.64
CA ALA A 128 20.71 14.35 -3.59
C ALA A 128 21.35 13.99 -2.26
N THR A 129 20.64 14.25 -1.18
CA THR A 129 21.15 14.01 0.17
C THR A 129 21.16 12.53 0.50
N MET A 130 20.07 11.84 0.18
CA MET A 130 19.92 10.45 0.59
C MET A 130 20.90 9.54 -0.14
N GLN A 131 21.08 9.80 -1.42
CA GLN A 131 21.98 9.02 -2.28
C GLN A 131 23.27 8.53 -1.56
N PRO A 132 24.12 9.46 -1.10
CA PRO A 132 25.34 8.96 -0.47
C PRO A 132 25.09 8.05 0.72
N LEU A 133 24.10 8.38 1.54
CA LEU A 133 23.94 7.72 2.85
C LEU A 133 22.83 6.65 2.89
N TYR A 134 22.31 6.26 1.73
CA TYR A 134 21.25 5.26 1.68
C TYR A 134 21.67 3.96 2.35
N ALA A 135 22.67 3.30 1.78
CA ALA A 135 23.13 1.97 2.26
C ALA A 135 23.36 1.85 3.79
N LYS A 136 24.19 2.73 4.34
CA LYS A 136 24.37 2.77 5.78
C LYS A 136 23.08 3.05 6.57
N LEU A 137 22.15 3.84 6.00
CA LEU A 137 20.86 4.12 6.67
C LEU A 137 19.92 2.92 6.60
N ILE A 138 20.01 2.16 5.52
CA ILE A 138 19.30 0.89 5.42
C ILE A 138 19.87 -0.08 6.43
N GLN A 139 21.21 -0.15 6.51
CA GLN A 139 21.93 -1.08 7.41
C GLN A 139 21.59 -0.95 8.91
N THR A 140 21.19 0.24 9.33
CA THR A 140 20.85 0.46 10.74
C THR A 140 19.47 -0.12 11.09
N GLN A 141 19.46 -0.88 12.19
CA GLN A 141 18.29 -1.65 12.58
C GLN A 141 17.09 -0.76 12.76
N GLY A 142 15.99 -1.12 12.12
CA GLY A 142 14.69 -0.52 12.42
C GLY A 142 14.44 0.77 11.71
N ILE A 143 15.25 1.07 10.70
CA ILE A 143 15.11 2.31 9.96
C ILE A 143 14.94 2.01 8.48
N PHE A 144 14.02 2.75 7.84
CA PHE A 144 13.60 2.54 6.45
C PHE A 144 13.62 3.82 5.62
N ALA A 145 14.03 3.69 4.35
CA ALA A 145 14.05 4.77 3.39
C ALA A 145 13.24 4.33 2.18
N LEU A 146 12.13 5.04 1.95
CA LEU A 146 11.16 4.72 0.89
C LEU A 146 10.90 5.90 -0.05
N PRO A 147 10.99 5.66 -1.36
CA PRO A 147 10.78 6.73 -2.32
C PRO A 147 9.34 7.22 -2.43
N LEU A 148 9.18 8.53 -2.40
CA LEU A 148 7.87 9.17 -2.48
C LEU A 148 7.93 10.30 -3.50
N ASP A 149 6.95 10.27 -4.41
CA ASP A 149 6.85 11.25 -5.49
C ASP A 149 5.76 12.22 -5.09
N LYS A 150 6.14 13.16 -4.23
CA LYS A 150 5.18 14.02 -3.59
C LYS A 150 4.88 15.22 -4.43
N ARG A 151 3.76 15.83 -4.10
CA ARG A 151 3.20 16.96 -4.84
C ARG A 151 4.10 18.18 -4.72
N TYR A 152 4.15 18.96 -5.77
CA TYR A 152 4.94 20.16 -5.83
C TYR A 152 4.28 21.17 -6.75
N TYR A 153 4.01 22.36 -6.25
CA TYR A 153 3.38 23.42 -7.07
C TYR A 153 4.41 24.51 -7.36
N PRO A 154 4.85 24.66 -8.63
CA PRO A 154 6.00 25.52 -8.88
C PRO A 154 5.70 26.99 -8.68
N ASN A 155 4.48 27.40 -9.02
CA ASN A 155 4.09 28.79 -8.92
C ASN A 155 3.38 29.14 -7.62
N ASN A 156 3.46 28.24 -6.64
CA ASN A 156 2.92 28.49 -5.29
C ASN A 156 1.43 28.86 -5.23
N ALA A 157 1.13 30.13 -4.96
CA ALA A 157 -0.26 30.59 -4.76
C ALA A 157 -1.06 30.67 -6.05
N LEU A 158 -0.37 30.92 -7.16
CA LEU A 158 -1.02 30.98 -8.46
C LEU A 158 -2.15 29.97 -8.56
N ALA A 159 -3.34 30.47 -8.85
CA ALA A 159 -4.50 29.62 -9.15
C ALA A 159 -4.83 28.58 -8.06
N SER A 160 -4.56 28.92 -6.81
CA SER A 160 -4.71 27.96 -5.72
C SER A 160 -6.12 27.44 -5.54
N HIS A 161 -7.10 28.34 -5.69
CA HIS A 161 -8.53 27.94 -5.58
C HIS A 161 -9.04 27.18 -6.80
N VAL A 162 -8.40 27.34 -7.95
CA VAL A 162 -8.64 26.52 -9.13
C VAL A 162 -8.06 25.11 -8.93
N LEU A 163 -6.76 25.07 -8.63
CA LEU A 163 -6.05 23.78 -8.57
C LEU A 163 -6.51 22.97 -7.36
N GLY A 164 -6.38 23.57 -6.18
CA GLY A 164 -6.75 22.87 -4.96
C GLY A 164 -5.62 21.97 -4.55
N TYR A 165 -5.78 21.31 -3.41
CA TYR A 165 -4.69 20.59 -2.80
C TYR A 165 -5.07 19.15 -2.49
N VAL A 166 -4.05 18.29 -2.48
CA VAL A 166 -4.17 16.89 -2.02
C VAL A 166 -4.09 16.78 -0.52
N GLY A 167 -4.68 15.72 0.02
CA GLY A 167 -4.71 15.51 1.48
C GLY A 167 -4.99 14.08 1.88
N VAL A 168 -4.85 13.79 3.17
CA VAL A 168 -5.15 12.46 3.68
C VAL A 168 -6.66 12.24 3.73
N ALA A 169 -7.12 11.08 3.26
CA ALA A 169 -8.54 10.79 3.14
C ALA A 169 -9.17 10.59 4.49
N SER A 170 -10.21 11.34 4.80
CA SER A 170 -10.76 11.33 6.16
C SER A 170 -11.78 10.20 6.41
N LEU A 171 -12.14 10.01 7.68
CA LEU A 171 -13.10 8.99 8.06
C LEU A 171 -14.50 9.28 7.51
N GLN A 172 -14.93 10.54 7.57
CA GLN A 172 -16.20 10.90 6.97
C GLN A 172 -16.19 10.76 5.42
N ASP A 173 -15.02 10.88 4.80
CA ASP A 173 -14.90 10.61 3.34
C ASP A 173 -15.16 9.14 3.09
N LEU A 174 -14.44 8.32 3.85
CA LEU A 174 -14.44 6.87 3.68
C LEU A 174 -15.76 6.25 4.03
N LYS A 175 -16.36 6.76 5.09
CA LYS A 175 -17.63 6.25 5.58
C LYS A 175 -18.75 6.58 4.58
N ASP A 176 -18.58 7.62 3.77
CA ASP A 176 -19.60 8.05 2.79
C ASP A 176 -19.35 7.52 1.40
N ASP A 177 -18.28 6.75 1.20
CA ASP A 177 -17.89 6.31 -0.16
C ASP A 177 -18.86 5.33 -0.84
N GLU A 178 -19.23 5.65 -2.08
CA GLU A 178 -20.09 4.77 -2.89
C GLU A 178 -19.43 4.26 -4.21
N GLU A 179 -18.09 4.28 -4.29
CA GLU A 179 -17.34 3.86 -5.50
C GLU A 179 -16.04 3.08 -5.23
N ASN A 180 -15.96 2.41 -4.09
CA ASN A 180 -14.78 1.62 -3.76
C ASN A 180 -13.50 2.46 -3.84
N GLN A 181 -13.61 3.73 -3.45
CA GLN A 181 -12.49 4.64 -3.44
C GLN A 181 -11.84 4.53 -2.07
N TYR A 182 -10.85 3.66 -1.97
CA TYR A 182 -10.25 3.30 -0.68
C TYR A 182 -8.89 3.94 -0.51
N SER A 183 -8.55 4.93 -1.33
CA SER A 183 -7.19 5.49 -1.33
C SER A 183 -6.99 6.47 -0.19
N GLN A 184 -5.83 6.41 0.42
CA GLN A 184 -5.48 7.26 1.52
C GLN A 184 -5.12 8.66 1.07
N ILE A 185 -4.75 8.80 -0.20
CA ILE A 185 -4.40 10.09 -0.78
C ILE A 185 -5.50 10.53 -1.74
N VAL A 186 -6.12 11.67 -1.46
CA VAL A 186 -7.17 12.23 -2.34
C VAL A 186 -7.15 13.75 -2.38
N GLY A 187 -7.68 14.28 -3.48
CA GLY A 187 -7.89 15.73 -3.64
C GLY A 187 -8.91 16.22 -2.64
N LYS A 188 -8.68 17.43 -2.12
CA LYS A 188 -9.57 17.98 -1.11
C LYS A 188 -10.40 19.16 -1.63
N THR A 189 -9.85 19.96 -2.53
CA THR A 189 -10.58 21.07 -3.12
C THR A 189 -10.25 21.22 -4.59
N GLY A 190 -11.10 21.97 -5.29
CA GLY A 190 -10.90 22.36 -6.69
C GLY A 190 -10.60 21.21 -7.66
N ILE A 191 -9.71 21.47 -8.63
CA ILE A 191 -9.41 20.46 -9.63
C ILE A 191 -8.91 19.12 -9.06
N GLU A 192 -8.11 19.17 -8.00
CA GLU A 192 -7.53 17.95 -7.40
C GLU A 192 -8.64 16.98 -6.99
N LYS A 193 -9.71 17.53 -6.47
CA LYS A 193 -10.86 16.74 -6.08
C LYS A 193 -11.69 16.45 -7.30
N GLU A 194 -12.07 17.49 -8.03
CA GLU A 194 -12.87 17.28 -9.22
C GLU A 194 -12.38 16.12 -10.12
N TYR A 195 -11.07 16.04 -10.38
CA TYR A 195 -10.57 14.96 -11.24
C TYR A 195 -9.70 13.95 -10.49
N ASN A 196 -9.97 13.79 -9.20
CA ASN A 196 -9.17 12.88 -8.40
C ASN A 196 -9.00 11.53 -9.07
N LYS A 197 -10.08 11.00 -9.60
CA LYS A 197 -10.06 9.70 -10.23
C LYS A 197 -9.10 9.71 -11.43
N LEU A 198 -9.18 10.76 -12.24
CA LEU A 198 -8.34 10.85 -13.43
C LEU A 198 -6.86 10.98 -13.04
N LEU A 199 -6.60 11.89 -12.10
CA LEU A 199 -5.23 12.21 -11.65
C LEU A 199 -4.56 11.08 -10.86
N GLN A 200 -5.36 10.33 -10.11
CA GLN A 200 -4.84 9.23 -9.29
C GLN A 200 -4.32 8.06 -10.14
N GLY A 201 -4.76 7.97 -11.38
CA GLY A 201 -4.26 6.93 -12.24
C GLY A 201 -4.96 5.63 -11.91
N LYS A 202 -4.43 4.54 -12.45
CA LYS A 202 -5.08 3.25 -12.42
C LYS A 202 -5.05 2.67 -11.02
N VAL A 203 -3.88 2.66 -10.39
CA VAL A 203 -3.74 2.18 -9.01
C VAL A 203 -3.26 3.19 -7.95
N GLY A 204 -2.63 4.29 -8.38
CA GLY A 204 -2.17 5.34 -7.47
C GLY A 204 -0.67 5.37 -7.25
N TYR A 205 0.06 4.48 -7.93
CA TYR A 205 1.47 4.22 -7.67
C TYR A 205 2.25 3.88 -8.94
N LYS A 206 3.57 4.05 -8.88
CA LYS A 206 4.47 3.55 -9.89
C LYS A 206 5.54 2.72 -9.24
N ILE A 207 6.22 1.88 -10.01
CA ILE A 207 7.23 0.97 -9.44
C ILE A 207 8.65 1.44 -9.75
N MET A 208 9.46 1.68 -8.71
CA MET A 208 10.83 2.15 -8.94
C MET A 208 11.86 1.19 -8.36
N ARG A 209 13.06 1.19 -8.93
CA ARG A 209 14.13 0.32 -8.44
C ARG A 209 15.27 1.16 -7.88
N VAL A 210 15.77 0.76 -6.72
CA VAL A 210 16.96 1.42 -6.17
C VAL A 210 18.13 0.44 -6.14
N ASN A 211 19.27 0.82 -6.71
CA ASN A 211 20.47 -0.01 -6.75
C ASN A 211 21.59 0.61 -5.90
N ALA A 212 21.61 0.23 -4.63
CA ALA A 212 22.73 0.50 -3.74
C ALA A 212 23.61 -0.72 -3.84
N LEU A 213 24.41 -0.75 -4.90
CA LEU A 213 25.26 -1.89 -5.24
C LEU A 213 26.43 -1.98 -4.22
N ASN A 214 27.47 -2.76 -4.53
CA ASN A 214 28.73 -2.65 -3.80
C ASN A 214 29.19 -1.19 -3.83
N GLN A 215 28.87 -0.50 -4.91
CA GLN A 215 29.06 0.95 -5.02
C GLN A 215 28.45 1.72 -3.85
N GLU A 216 28.89 2.97 -3.74
CA GLU A 216 28.61 3.79 -2.57
C GLU A 216 27.44 4.79 -2.83
N LEU A 217 26.81 4.70 -4.02
CA LEU A 217 25.73 5.62 -4.40
C LEU A 217 24.48 4.88 -4.85
N ALA A 218 23.32 5.50 -4.61
CA ALA A 218 22.03 4.90 -4.94
C ALA A 218 21.52 5.46 -6.26
N THR A 219 21.29 4.59 -7.23
CA THR A 219 20.69 4.98 -8.53
C THR A 219 19.18 4.79 -8.43
N LEU A 220 18.44 5.34 -9.39
CA LEU A 220 16.99 5.31 -9.33
C LEU A 220 16.39 5.12 -10.69
N GLU A 221 15.72 4.00 -10.86
CA GLU A 221 15.13 3.63 -12.13
C GLU A 221 13.61 3.57 -11.93
N VAL A 222 12.88 3.96 -12.96
CA VAL A 222 11.44 3.78 -12.99
C VAL A 222 11.19 2.56 -13.85
N VAL A 223 10.59 1.51 -13.28
CA VAL A 223 10.31 0.28 -14.05
C VAL A 223 8.89 0.26 -14.64
N LEU A 224 7.91 0.68 -13.85
CA LEU A 224 6.54 0.81 -14.33
C LEU A 224 6.03 2.17 -13.93
N PRO A 225 5.66 3.01 -14.91
CA PRO A 225 4.98 4.27 -14.61
C PRO A 225 3.50 4.13 -14.20
N SER A 226 2.86 5.26 -13.91
CA SER A 226 1.40 5.34 -13.68
C SER A 226 0.84 6.34 -14.68
N THR A 227 0.56 5.89 -15.89
CA THR A 227 0.29 6.82 -16.98
C THR A 227 -1.21 7.04 -17.21
N ASN A 228 -1.51 7.89 -18.20
CA ASN A 228 -2.86 8.28 -18.61
C ASN A 228 -3.57 9.15 -17.58
N ASN A 229 -2.84 10.13 -17.07
CA ASN A 229 -3.35 10.97 -15.97
C ASN A 229 -2.87 12.43 -15.95
N HIS A 230 -2.22 12.89 -17.03
CA HIS A 230 -1.94 14.31 -17.16
C HIS A 230 -3.28 15.02 -17.44
N LEU A 231 -3.57 16.08 -16.67
CA LEU A 231 -4.75 16.94 -16.93
C LEU A 231 -4.30 18.31 -17.38
N GLN A 232 -5.02 18.81 -18.38
CA GLN A 232 -4.67 20.06 -18.99
C GLN A 232 -5.80 21.05 -18.84
N LEU A 233 -5.50 22.14 -18.17
CA LEU A 233 -6.42 23.22 -17.95
C LEU A 233 -6.30 24.26 -19.06
N SER A 234 -7.36 25.04 -19.22
CA SER A 234 -7.43 26.10 -20.22
C SER A 234 -6.86 27.41 -19.71
N LEU A 235 -6.35 27.43 -18.48
CA LEU A 235 -5.80 28.63 -17.91
C LEU A 235 -4.61 29.06 -18.72
N ASP A 236 -4.34 30.36 -18.72
CA ASP A 236 -3.02 30.85 -19.18
C ASP A 236 -2.21 31.40 -17.97
N LYS A 237 -1.23 30.62 -17.57
CA LYS A 237 -0.27 30.97 -16.53
C LYS A 237 0.13 32.46 -16.64
N ARG A 238 0.40 32.90 -17.87
CA ARG A 238 0.83 34.27 -18.10
C ARG A 238 -0.23 35.30 -17.73
N LEU A 239 -1.48 34.99 -18.04
CA LEU A 239 -2.59 35.91 -17.74
C LEU A 239 -2.92 35.88 -16.26
N GLN A 240 -2.96 34.67 -15.70
CA GLN A 240 -3.19 34.48 -14.26
C GLN A 240 -2.19 35.31 -13.43
N LYS A 241 -0.95 35.43 -13.92
CA LYS A 241 0.06 36.27 -13.28
C LYS A 241 -0.32 37.74 -13.33
N GLU A 242 -0.76 38.22 -14.50
CA GLU A 242 -1.20 39.62 -14.66
C GLU A 242 -2.40 39.88 -13.71
N ALA A 243 -3.30 38.90 -13.62
CA ALA A 243 -4.38 38.95 -12.65
C ALA A 243 -3.84 39.05 -11.22
N ASP A 244 -2.88 38.20 -10.88
CA ASP A 244 -2.23 38.27 -9.55
C ASP A 244 -1.60 39.65 -9.30
N LYS A 245 -1.01 40.24 -10.34
CA LYS A 245 -0.42 41.59 -10.25
C LYS A 245 -1.50 42.64 -10.01
N LEU A 246 -2.60 42.55 -10.77
CA LEU A 246 -3.68 43.52 -10.64
C LEU A 246 -4.32 43.55 -9.24
N PHE A 247 -4.34 42.41 -8.56
CA PHE A 247 -4.95 42.33 -7.24
C PHE A 247 -3.92 42.32 -6.12
N GLU A 248 -2.77 42.91 -6.37
CA GLU A 248 -1.62 42.80 -5.48
C GLU A 248 -1.91 43.20 -4.01
N ASN A 249 -2.62 44.31 -3.78
CA ASN A 249 -3.08 44.68 -2.42
C ASN A 249 -4.60 44.51 -2.26
N LYS A 250 -5.28 44.06 -3.29
CA LYS A 250 -6.73 44.03 -3.31
C LYS A 250 -7.31 42.71 -2.83
N ARG A 251 -8.62 42.70 -2.65
CA ARG A 251 -9.37 41.49 -2.36
C ARG A 251 -10.58 41.32 -3.27
N GLY A 252 -10.92 40.07 -3.58
CA GLY A 252 -12.04 39.78 -4.46
C GLY A 252 -11.71 38.74 -5.50
N ALA A 253 -12.15 38.97 -6.74
CA ALA A 253 -12.08 37.92 -7.77
C ALA A 253 -12.05 38.42 -9.18
N ILE A 254 -11.45 37.62 -10.04
CA ILE A 254 -11.40 37.94 -11.47
C ILE A 254 -11.40 36.69 -12.37
N LEU A 255 -12.17 36.77 -13.44
CA LEU A 255 -12.34 35.68 -14.38
C LEU A 255 -12.22 36.22 -15.81
N VAL A 256 -11.60 35.44 -16.68
CA VAL A 256 -11.54 35.78 -18.08
C VAL A 256 -11.95 34.54 -18.87
N MET A 257 -13.03 34.65 -19.64
CA MET A 257 -13.63 33.49 -20.25
C MET A 257 -13.67 33.63 -21.76
N ASP A 258 -13.50 32.49 -22.42
CA ASP A 258 -13.79 32.40 -23.85
C ASP A 258 -15.28 32.10 -23.94
N ALA A 259 -16.02 33.11 -24.40
CA ALA A 259 -17.48 33.01 -24.45
C ALA A 259 -18.05 32.13 -25.59
N GLU A 260 -17.17 31.55 -26.41
CA GLU A 260 -17.61 30.69 -27.50
C GLU A 260 -17.61 29.21 -27.10
N ASN A 261 -17.12 28.91 -25.89
CA ASN A 261 -17.04 27.51 -25.40
C ASN A 261 -16.98 27.31 -23.88
N GLY A 262 -16.49 28.32 -23.15
CA GLY A 262 -16.52 28.30 -21.68
C GLY A 262 -15.14 28.26 -21.01
N GLU A 263 -14.08 28.14 -21.82
CA GLU A 263 -12.73 28.02 -21.28
C GLU A 263 -12.35 29.21 -20.45
N LEU A 264 -12.00 28.92 -19.20
CA LEU A 264 -11.50 29.94 -18.34
C LEU A 264 -9.99 30.13 -18.53
N LEU A 265 -9.61 31.29 -19.08
CA LEU A 265 -8.21 31.65 -19.22
C LEU A 265 -7.61 32.13 -17.89
N VAL A 266 -8.42 32.86 -17.10
CA VAL A 266 -8.00 33.38 -15.80
C VAL A 266 -9.10 33.08 -14.79
N ALA A 267 -8.72 32.87 -13.53
CA ALA A 267 -9.68 32.64 -12.44
C ALA A 267 -8.96 32.82 -11.12
N GLY A 268 -9.05 34.03 -10.56
CA GLY A 268 -8.37 34.32 -9.30
C GLY A 268 -9.34 34.63 -8.18
N SER A 269 -9.07 34.09 -7.01
CA SER A 269 -9.79 34.44 -5.79
C SER A 269 -8.80 34.96 -4.74
N TYR A 270 -8.75 36.27 -4.59
CA TYR A 270 -7.71 36.88 -3.78
C TYR A 270 -8.21 37.25 -2.41
N PRO A 271 -7.38 36.99 -1.40
CA PRO A 271 -6.02 36.45 -1.48
C PRO A 271 -5.96 34.95 -1.74
N GLU A 272 -4.97 34.51 -2.53
CA GLU A 272 -4.70 33.08 -2.73
C GLU A 272 -3.89 32.53 -1.53
N TYR A 273 -3.71 31.20 -1.46
CA TYR A 273 -2.82 30.59 -0.47
C TYR A 273 -1.75 29.77 -1.18
N ASN A 274 -0.62 29.52 -0.52
CA ASN A 274 0.51 28.80 -1.14
C ASN A 274 0.38 27.30 -1.02
N LEU A 275 -0.08 26.68 -2.11
CA LEU A 275 -0.44 25.25 -2.14
C LEU A 275 0.59 24.32 -1.50
N ASN A 276 1.87 24.62 -1.71
CA ASN A 276 2.93 23.83 -1.10
C ASN A 276 2.77 23.63 0.41
N ASP A 277 2.25 24.63 1.10
CA ASP A 277 1.97 24.44 2.52
C ASP A 277 1.18 23.16 2.87
N PHE A 278 0.46 22.59 1.87
CA PHE A 278 -0.41 21.38 2.06
C PHE A 278 0.23 20.05 1.60
N VAL A 279 1.39 20.14 0.94
CA VAL A 279 2.04 18.99 0.33
C VAL A 279 2.20 17.75 1.27
N GLY A 280 2.93 17.89 2.37
CA GLY A 280 3.10 16.77 3.32
C GLY A 280 1.82 16.49 4.11
N GLY A 281 0.75 17.20 3.77
CA GLY A 281 -0.41 17.28 4.64
C GLY A 281 -0.19 18.49 5.53
N ILE A 282 -1.12 19.44 5.50
CA ILE A 282 -0.98 20.74 6.17
C ILE A 282 -0.47 20.69 7.63
N SER A 283 0.43 21.62 7.96
CA SER A 283 0.92 21.78 9.33
C SER A 283 -0.20 22.42 10.15
N GLN A 284 -0.54 21.76 11.25
CA GLN A 284 -1.59 22.21 12.16
C GLN A 284 -1.57 23.73 12.44
N ASP A 285 -0.39 24.34 12.53
CA ASP A 285 -0.22 25.80 12.67
C ASP A 285 -0.51 26.54 11.38
N LYS A 286 0.11 26.09 10.29
CA LYS A 286 -0.09 26.70 8.96
C LYS A 286 -1.58 26.72 8.59
N TRP A 287 -2.31 25.67 8.99
CA TRP A 287 -3.76 25.66 8.85
C TRP A 287 -4.41 26.79 9.65
N GLN A 288 -4.01 26.95 10.91
CA GLN A 288 -4.58 27.99 11.76
C GLN A 288 -4.51 29.36 11.11
N LYS A 289 -3.31 29.75 10.72
CA LYS A 289 -3.07 31.11 10.22
C LYS A 289 -3.77 31.39 8.88
N LEU A 290 -4.12 30.34 8.14
CA LEU A 290 -4.99 30.47 6.96
C LEU A 290 -6.44 30.69 7.36
N GLN A 291 -6.84 30.07 8.46
CA GLN A 291 -8.21 30.17 8.98
C GLN A 291 -8.45 31.47 9.74
N ASP A 292 -7.38 32.03 10.30
CA ASP A 292 -7.45 33.21 11.19
C ASP A 292 -7.15 34.52 10.47
N ASP A 293 -6.63 34.46 9.25
CA ASP A 293 -6.41 35.66 8.44
C ASP A 293 -7.78 36.29 8.21
N ILE A 294 -7.92 37.54 8.63
CA ILE A 294 -9.20 38.24 8.59
C ILE A 294 -9.65 38.48 7.16
N TYR A 295 -8.71 38.44 6.23
CA TYR A 295 -9.02 38.49 4.79
C TYR A 295 -9.47 37.13 4.22
N ASN A 296 -9.44 36.08 5.04
CA ASN A 296 -10.09 34.81 4.72
C ASN A 296 -9.66 34.14 3.39
N PRO A 297 -8.40 33.74 3.30
CA PRO A 297 -7.86 33.23 2.06
C PRO A 297 -8.38 31.85 1.66
N LEU A 298 -8.92 31.08 2.60
CA LEU A 298 -9.42 29.75 2.24
C LEU A 298 -10.66 29.81 1.33
N LEU A 299 -11.48 30.85 1.48
CA LEU A 299 -12.67 31.04 0.64
C LEU A 299 -12.36 31.22 -0.86
N ASN A 300 -13.18 30.56 -1.70
CA ASN A 300 -13.18 30.74 -3.16
C ASN A 300 -14.20 31.80 -3.54
N ARG A 301 -13.71 32.98 -3.89
CA ARG A 301 -14.56 34.13 -4.12
C ARG A 301 -15.23 34.15 -5.50
N PHE A 302 -14.68 33.41 -6.47
CA PHE A 302 -15.30 33.36 -7.79
C PHE A 302 -16.40 32.27 -7.94
N ALA A 303 -16.33 31.23 -7.11
CA ALA A 303 -17.25 30.09 -7.21
C ALA A 303 -18.10 29.89 -5.99
N ASN A 304 -17.58 30.23 -4.79
CA ASN A 304 -18.23 29.87 -3.51
C ASN A 304 -18.53 31.04 -2.56
N ALA A 305 -18.55 32.25 -3.12
CA ALA A 305 -18.92 33.46 -2.41
C ALA A 305 -20.11 34.13 -3.11
N LEU A 306 -20.94 34.79 -2.31
CA LEU A 306 -22.11 35.46 -2.81
C LEU A 306 -21.94 36.95 -2.62
N TYR A 307 -22.67 37.69 -3.44
CA TYR A 307 -22.60 39.14 -3.47
C TYR A 307 -23.84 39.66 -4.20
N PRO A 308 -24.36 40.84 -3.80
CA PRO A 308 -25.36 41.42 -4.66
C PRO A 308 -24.70 41.78 -5.98
N PRO A 309 -25.37 41.53 -7.09
CA PRO A 309 -24.80 41.90 -8.39
C PRO A 309 -24.85 43.40 -8.62
N GLY A 310 -25.90 44.04 -8.11
CA GLY A 310 -26.04 45.46 -8.22
C GLY A 310 -26.36 45.85 -9.64
N SER A 311 -25.95 47.06 -10.03
CA SER A 311 -26.23 47.61 -11.38
C SER A 311 -25.93 46.65 -12.56
N VAL A 312 -25.07 45.64 -12.38
CA VAL A 312 -24.71 44.76 -13.53
C VAL A 312 -25.91 44.00 -14.09
N VAL A 313 -26.92 43.74 -13.27
CA VAL A 313 -28.14 43.06 -13.73
C VAL A 313 -29.04 43.94 -14.60
N LYS A 314 -28.68 45.21 -14.79
CA LYS A 314 -29.52 46.14 -15.55
C LYS A 314 -29.82 45.74 -17.00
N MET A 315 -28.85 45.19 -17.70
CA MET A 315 -29.11 44.71 -19.05
C MET A 315 -30.24 43.67 -19.02
N GLY A 316 -30.12 42.69 -18.12
CA GLY A 316 -31.09 41.61 -17.98
C GLY A 316 -32.48 42.09 -17.62
N VAL A 317 -32.55 43.03 -16.69
CA VAL A 317 -33.81 43.62 -16.32
C VAL A 317 -34.39 44.33 -17.52
N GLY A 318 -33.57 45.16 -18.15
CA GLY A 318 -33.98 45.84 -19.36
C GLY A 318 -34.53 44.90 -20.43
N LEU A 319 -33.93 43.70 -20.54
CA LEU A 319 -34.41 42.67 -21.49
C LEU A 319 -35.85 42.22 -21.16
N SER A 320 -36.06 41.89 -19.89
CA SER A 320 -37.38 41.67 -19.32
C SER A 320 -38.34 42.84 -19.62
N PHE A 321 -37.92 44.09 -19.41
CA PHE A 321 -38.81 45.23 -19.74
C PHE A 321 -39.28 45.14 -21.18
N LEU A 322 -38.34 44.98 -22.10
CA LEU A 322 -38.65 44.88 -23.54
C LEU A 322 -39.55 43.70 -23.82
N GLU A 323 -39.25 42.52 -23.26
CA GLU A 323 -40.15 41.36 -23.43
C GLU A 323 -41.58 41.65 -22.96
N ASN A 324 -41.69 42.25 -21.78
CA ASN A 324 -42.95 42.24 -21.04
C ASN A 324 -43.75 43.55 -21.00
N LEU A 325 -43.21 44.62 -21.57
CA LEU A 325 -43.88 45.91 -21.52
C LEU A 325 -43.96 46.55 -22.90
N HIS A 326 -44.92 47.47 -23.06
CA HIS A 326 -45.13 48.19 -24.31
C HIS A 326 -44.07 49.29 -24.42
N ILE A 327 -42.84 48.83 -24.72
CA ILE A 327 -41.63 49.64 -24.65
C ILE A 327 -40.68 49.16 -25.71
N THR A 328 -39.92 50.10 -26.27
CA THR A 328 -38.68 49.79 -26.99
C THR A 328 -37.48 50.38 -26.23
N GLU A 329 -36.29 49.87 -26.54
CA GLU A 329 -35.07 50.43 -25.95
C GLU A 329 -35.03 51.95 -26.05
N ASN A 330 -35.57 52.48 -27.15
CA ASN A 330 -35.60 53.94 -27.42
C ASN A 330 -36.73 54.70 -26.75
N THR A 331 -37.62 54.00 -26.06
CA THR A 331 -38.69 54.65 -25.32
C THR A 331 -38.07 55.51 -24.23
N THR A 332 -38.43 56.78 -24.21
CA THR A 332 -37.81 57.73 -23.31
C THR A 332 -38.78 58.14 -22.22
N ILE A 333 -38.38 58.00 -20.96
CA ILE A 333 -39.17 58.54 -19.83
C ILE A 333 -38.37 59.55 -19.02
N PRO A 334 -39.08 60.44 -18.27
CA PRO A 334 -38.39 61.32 -17.32
C PRO A 334 -37.88 60.53 -16.12
N THR A 335 -36.82 61.02 -15.51
CA THR A 335 -36.12 60.30 -14.46
C THR A 335 -35.56 61.27 -13.41
N PRO A 336 -36.45 61.78 -12.52
CA PRO A 336 -36.04 62.64 -11.41
C PRO A 336 -35.02 61.97 -10.47
N PRO A 337 -34.50 62.73 -9.49
CA PRO A 337 -33.61 62.15 -8.48
C PRO A 337 -34.26 61.02 -7.68
N PHE A 338 -35.58 61.07 -7.53
CA PHE A 338 -36.31 60.05 -6.81
C PHE A 338 -37.74 59.93 -7.30
N ILE A 339 -38.33 58.77 -7.07
CA ILE A 339 -39.77 58.61 -7.07
C ILE A 339 -40.13 58.01 -5.72
N GLU A 340 -41.43 57.90 -5.46
CA GLU A 340 -41.91 57.29 -4.23
C GLU A 340 -43.04 56.32 -4.52
N VAL A 341 -43.33 55.47 -3.55
CA VAL A 341 -44.33 54.41 -3.68
C VAL A 341 -45.46 54.60 -2.67
N GLY A 342 -45.06 54.68 -1.41
CA GLY A 342 -45.96 54.97 -0.33
C GLY A 342 -45.10 55.48 0.78
N LYS A 343 -44.62 54.56 1.60
CA LYS A 343 -43.80 54.90 2.76
C LYS A 343 -42.41 55.40 2.35
N HIS A 344 -41.76 54.68 1.42
CA HIS A 344 -40.37 54.96 1.03
C HIS A 344 -40.25 55.77 -0.25
N LYS A 345 -39.05 56.30 -0.46
CA LYS A 345 -38.66 57.01 -1.68
C LYS A 345 -37.41 56.31 -2.25
N PHE A 346 -37.36 56.13 -3.57
CA PHE A 346 -36.26 55.43 -4.21
C PHE A 346 -35.34 56.39 -4.99
N ARG A 347 -34.07 56.47 -4.55
CA ARG A 347 -33.13 57.52 -4.97
C ARG A 347 -32.18 57.05 -6.07
N ASP A 348 -31.77 57.98 -6.93
CA ASP A 348 -30.84 57.67 -8.01
C ASP A 348 -29.46 57.73 -7.43
N TRP A 349 -28.50 57.02 -8.04
CA TRP A 349 -27.14 56.94 -7.47
C TRP A 349 -26.62 58.32 -7.14
N LYS A 350 -26.90 59.29 -8.02
CA LYS A 350 -26.66 60.68 -7.64
C LYS A 350 -27.92 61.55 -7.75
N LYS A 351 -27.88 62.59 -6.94
CA LYS A 351 -29.04 63.37 -6.60
C LYS A 351 -29.38 64.43 -7.63
N THR A 352 -28.46 64.66 -8.58
CA THR A 352 -28.72 65.60 -9.67
C THR A 352 -29.92 65.12 -10.46
N GLY A 353 -30.12 63.79 -10.50
CA GLY A 353 -31.11 63.18 -11.39
C GLY A 353 -30.46 63.08 -12.76
N HIS A 354 -31.19 62.54 -13.74
CA HIS A 354 -30.61 62.37 -15.07
C HIS A 354 -31.36 63.06 -16.20
N GLY A 355 -32.54 63.62 -15.91
CA GLY A 355 -33.38 64.25 -16.93
C GLY A 355 -34.25 63.20 -17.59
N ASN A 356 -34.32 63.21 -18.92
CA ASN A 356 -35.00 62.11 -19.62
C ASN A 356 -34.02 60.99 -19.95
N SER A 357 -34.51 59.74 -20.02
CA SER A 357 -33.63 58.63 -20.37
C SER A 357 -34.35 57.37 -20.86
N ASN A 358 -33.87 56.87 -22.00
CA ASN A 358 -34.25 55.57 -22.56
C ASN A 358 -33.32 54.42 -22.07
N LEU A 359 -33.50 53.19 -22.59
CA LEU A 359 -32.67 52.05 -22.10
C LEU A 359 -31.16 52.21 -22.40
N TYR A 360 -30.82 52.74 -23.58
CA TYR A 360 -29.42 52.99 -23.92
C TYR A 360 -28.81 53.89 -22.85
N LYS A 361 -29.45 55.04 -22.63
CA LYS A 361 -28.98 55.97 -21.60
C LYS A 361 -28.97 55.36 -20.19
N ALA A 362 -30.03 54.64 -19.81
CA ALA A 362 -30.10 54.03 -18.48
C ALA A 362 -28.90 53.12 -18.19
N ILE A 363 -28.57 52.29 -19.17
CA ILE A 363 -27.39 51.43 -19.10
C ILE A 363 -26.12 52.29 -19.12
N ARG A 364 -26.09 53.25 -20.03
CA ARG A 364 -24.93 54.12 -20.19
C ARG A 364 -24.52 54.79 -18.87
N GLU A 365 -25.47 55.43 -18.20
CA GLU A 365 -25.17 56.19 -16.99
C GLU A 365 -25.69 55.52 -15.70
N SER A 366 -26.05 54.23 -15.79
CA SER A 366 -26.47 53.41 -14.62
C SER A 366 -27.60 54.11 -13.88
N VAL A 367 -28.65 54.48 -14.62
CA VAL A 367 -29.73 55.27 -14.06
C VAL A 367 -30.64 54.37 -13.25
N ASP A 368 -30.71 54.57 -11.94
CA ASP A 368 -31.51 53.69 -11.09
C ASP A 368 -33.02 53.90 -11.27
N VAL A 369 -33.43 55.14 -11.54
CA VAL A 369 -34.86 55.50 -11.54
C VAL A 369 -35.61 54.95 -12.75
N TYR A 370 -34.94 54.81 -13.89
CA TYR A 370 -35.53 54.14 -15.05
C TYR A 370 -36.08 52.81 -14.58
N PHE A 371 -35.24 52.05 -13.91
CA PHE A 371 -35.58 50.69 -13.52
C PHE A 371 -36.58 50.69 -12.38
N TYR A 372 -36.50 51.68 -11.49
CA TYR A 372 -37.53 51.82 -10.45
C TYR A 372 -38.89 52.05 -11.08
N LYS A 373 -38.93 52.96 -12.06
CA LYS A 373 -40.19 53.34 -12.70
C LYS A 373 -40.85 52.18 -13.41
N PHE A 374 -40.13 51.49 -14.29
CA PHE A 374 -40.74 50.35 -15.00
C PHE A 374 -40.86 49.11 -14.10
N GLY A 375 -40.00 49.07 -13.07
CA GLY A 375 -40.14 48.07 -12.02
C GLY A 375 -41.52 48.07 -11.41
N LEU A 376 -42.13 49.25 -11.32
CA LEU A 376 -43.52 49.42 -10.86
C LEU A 376 -44.49 48.67 -11.75
N GLU A 377 -44.22 48.67 -13.05
CA GLU A 377 -45.13 48.09 -14.05
C GLU A 377 -44.87 46.61 -14.26
N ILE A 378 -43.63 46.16 -14.14
CA ILE A 378 -43.35 44.73 -14.39
C ILE A 378 -43.77 43.78 -13.26
N SER A 379 -44.16 42.58 -13.65
CA SER A 379 -44.48 41.51 -12.70
C SER A 379 -43.22 40.75 -12.31
N ILE A 380 -43.03 40.60 -11.01
CA ILE A 380 -41.88 39.89 -10.45
C ILE A 380 -41.71 38.48 -11.04
N GLU A 381 -42.84 37.84 -11.36
CA GLU A 381 -42.79 36.53 -12.01
C GLU A 381 -42.11 36.67 -13.35
N LYS A 382 -42.54 37.64 -14.16
CA LYS A 382 -41.97 37.82 -15.49
C LYS A 382 -40.53 38.31 -15.40
N LEU A 383 -40.20 39.10 -14.36
CA LEU A 383 -38.83 39.59 -14.14
C LEU A 383 -37.88 38.43 -13.78
N SER A 384 -38.22 37.75 -12.69
CA SER A 384 -37.39 36.68 -12.18
C SER A 384 -37.20 35.58 -13.21
N LYS A 385 -38.17 35.41 -14.12
CA LYS A 385 -38.02 34.48 -15.23
C LYS A 385 -36.85 34.94 -16.09
N THR A 386 -36.89 36.21 -16.50
CA THR A 386 -35.84 36.73 -17.34
C THR A 386 -34.54 36.53 -16.61
N LEU A 387 -34.52 36.87 -15.33
CA LEU A 387 -33.26 36.80 -14.60
C LEU A 387 -32.72 35.38 -14.52
N ARG A 388 -33.55 34.43 -14.06
CA ARG A 388 -33.16 33.01 -14.09
C ARG A 388 -32.64 32.61 -15.46
N GLU A 389 -33.38 32.95 -16.52
CA GLU A 389 -32.96 32.55 -17.89
C GLU A 389 -31.53 32.88 -18.22
N VAL A 390 -31.16 34.14 -18.00
CA VAL A 390 -29.80 34.62 -18.26
C VAL A 390 -28.75 34.16 -17.24
N GLY A 391 -29.16 33.31 -16.28
CA GLY A 391 -28.22 32.57 -15.44
C GLY A 391 -28.37 32.65 -13.92
N PHE A 392 -28.96 33.73 -13.41
CA PHE A 392 -28.85 34.03 -11.98
C PHE A 392 -29.50 33.07 -11.00
N GLY A 393 -30.34 32.16 -11.47
CA GLY A 393 -30.94 31.16 -10.57
C GLY A 393 -29.94 30.10 -10.12
N GLU A 394 -29.62 29.23 -11.06
CA GLU A 394 -28.87 28.00 -10.82
C GLU A 394 -27.36 28.13 -11.13
N LYS A 395 -26.67 26.99 -11.07
CA LYS A 395 -25.23 26.90 -11.25
C LYS A 395 -24.81 27.15 -12.69
N THR A 396 -23.61 27.70 -12.87
CA THR A 396 -22.96 27.79 -14.18
C THR A 396 -22.53 26.43 -14.68
N GLY A 397 -22.28 25.49 -13.78
CA GLY A 397 -21.89 24.11 -14.14
C GLY A 397 -20.36 23.94 -14.29
N VAL A 398 -19.60 24.52 -13.36
CA VAL A 398 -18.14 24.61 -13.50
C VAL A 398 -17.50 23.36 -12.93
N ASP A 399 -16.26 23.03 -13.34
CA ASP A 399 -15.54 21.79 -12.87
C ASP A 399 -15.02 21.94 -11.46
N LEU A 400 -15.83 22.40 -10.53
CA LEU A 400 -15.34 22.54 -9.17
C LEU A 400 -16.38 22.02 -8.21
N PRO A 401 -15.93 21.34 -7.16
CA PRO A 401 -16.90 20.83 -6.21
C PRO A 401 -17.75 21.96 -5.60
N ASN A 402 -19.03 21.69 -5.45
CA ASN A 402 -19.95 22.61 -4.79
C ASN A 402 -19.89 24.04 -5.27
N GLU A 403 -20.17 24.28 -6.54
CA GLU A 403 -20.43 25.64 -6.97
C GLU A 403 -21.66 26.13 -6.20
N PHE A 404 -21.72 27.43 -5.94
CA PHE A 404 -22.86 28.05 -5.28
C PHE A 404 -23.86 28.58 -6.32
N VAL A 405 -25.15 28.46 -5.97
CA VAL A 405 -26.24 29.14 -6.66
C VAL A 405 -26.63 30.32 -5.81
N GLY A 406 -27.21 31.32 -6.44
CA GLY A 406 -27.49 32.56 -5.76
C GLY A 406 -28.90 32.60 -5.25
N ILE A 407 -29.49 33.79 -5.26
CA ILE A 407 -30.91 33.89 -4.95
C ILE A 407 -31.55 34.88 -5.95
N VAL A 408 -32.56 34.42 -6.68
CA VAL A 408 -33.38 35.31 -7.46
C VAL A 408 -34.68 35.45 -6.71
N PRO A 409 -34.84 36.58 -6.03
CA PRO A 409 -36.02 36.70 -5.22
C PRO A 409 -37.27 36.83 -6.10
N ASP A 410 -38.19 35.89 -5.93
CA ASP A 410 -39.48 35.91 -6.61
C ASP A 410 -40.61 35.92 -5.57
N ASN A 411 -41.84 35.66 -6.00
CA ASN A 411 -43.00 35.78 -5.14
C ASN A 411 -43.38 34.48 -4.46
N LEU A 412 -43.00 33.35 -5.07
CA LEU A 412 -43.31 32.04 -4.52
C LEU A 412 -42.32 31.75 -3.36
N TRP A 413 -41.23 32.51 -3.32
CA TRP A 413 -40.17 32.31 -2.34
C TRP A 413 -40.43 33.12 -1.10
N LYS A 414 -40.98 34.32 -1.26
CA LYS A 414 -41.31 35.11 -0.08
C LYS A 414 -42.45 34.46 0.69
N LEU A 415 -43.37 33.80 0.00
CA LEU A 415 -44.52 33.20 0.67
C LEU A 415 -44.13 31.91 1.37
N LYS A 416 -43.25 31.13 0.74
CA LYS A 416 -42.80 29.87 1.34
C LYS A 416 -41.96 30.09 2.60
N ARG A 417 -40.91 30.91 2.53
CA ARG A 417 -39.93 31.00 3.61
C ARG A 417 -40.38 31.93 4.73
N PHE A 418 -40.91 33.08 4.32
CA PHE A 418 -41.47 34.07 5.23
C PHE A 418 -43.00 33.85 5.26
N ASN A 419 -43.81 34.87 5.46
CA ASN A 419 -45.27 34.66 5.35
C ASN A 419 -46.04 35.61 4.46
N GLN A 420 -45.75 36.90 4.50
CA GLN A 420 -46.49 37.86 3.68
C GLN A 420 -46.22 37.64 2.19
N ASP A 421 -47.19 38.01 1.36
CA ASP A 421 -47.02 38.04 -0.09
C ASP A 421 -46.21 39.29 -0.45
N TRP A 422 -45.76 39.30 -1.70
CA TRP A 422 -44.74 40.23 -2.18
C TRP A 422 -45.32 41.62 -2.28
N ARG A 423 -44.58 42.62 -1.83
CA ARG A 423 -44.96 44.01 -1.94
C ARG A 423 -44.34 44.63 -3.21
N VAL A 424 -44.86 45.75 -3.69
CA VAL A 424 -44.40 46.31 -4.97
C VAL A 424 -42.94 46.81 -4.92
N GLY A 425 -42.64 47.68 -3.96
CA GLY A 425 -41.27 48.19 -3.77
C GLY A 425 -40.17 47.13 -3.76
N ASP A 426 -40.52 45.91 -3.34
CA ASP A 426 -39.56 44.79 -3.33
C ASP A 426 -39.07 44.42 -4.72
N THR A 427 -39.94 44.59 -5.69
CA THR A 427 -39.53 44.41 -7.05
C THR A 427 -38.45 45.43 -7.35
N LEU A 428 -38.77 46.68 -7.07
CA LEU A 428 -37.90 47.79 -7.45
C LEU A 428 -36.47 47.65 -6.94
N ILE A 429 -36.29 47.14 -5.73
CA ILE A 429 -34.95 46.95 -5.18
C ILE A 429 -34.21 45.81 -5.91
N THR A 430 -34.97 44.79 -6.31
CA THR A 430 -34.46 43.68 -7.10
C THR A 430 -34.10 44.10 -8.53
N ALA A 431 -34.89 45.01 -9.09
CA ALA A 431 -34.67 45.52 -10.46
C ALA A 431 -33.30 46.15 -10.65
N ILE A 432 -32.75 46.71 -9.58
CA ILE A 432 -31.41 47.25 -9.63
C ILE A 432 -30.36 46.31 -8.98
N GLY A 433 -30.76 45.06 -8.73
CA GLY A 433 -29.82 44.01 -8.31
C GLY A 433 -29.36 44.04 -6.87
N GLN A 434 -30.24 44.41 -5.95
CA GLN A 434 -29.88 44.42 -4.53
C GLN A 434 -30.96 43.80 -3.68
N GLY A 435 -31.05 44.15 -2.41
CA GLY A 435 -31.93 43.45 -1.50
C GLY A 435 -31.53 41.98 -1.47
N SER A 436 -32.52 41.09 -1.49
CA SER A 436 -32.25 39.65 -1.37
C SER A 436 -31.67 38.99 -2.65
N PHE A 437 -31.17 39.81 -3.57
CA PHE A 437 -30.60 39.31 -4.83
C PHE A 437 -29.09 39.06 -4.64
N LEU A 438 -28.68 37.79 -4.65
CA LEU A 438 -27.28 37.39 -4.53
C LEU A 438 -26.81 36.49 -5.68
N ALA A 439 -25.56 36.69 -6.08
CA ALA A 439 -24.99 35.99 -7.24
C ALA A 439 -23.49 35.77 -7.08
N THR A 440 -22.95 34.79 -7.80
CA THR A 440 -21.51 34.57 -7.84
C THR A 440 -20.91 35.31 -9.01
N PRO A 441 -19.61 35.64 -8.92
CA PRO A 441 -18.88 36.16 -10.09
C PRO A 441 -18.98 35.30 -11.36
N LEU A 442 -19.08 33.98 -11.21
CA LEU A 442 -19.25 33.11 -12.37
C LEU A 442 -20.59 33.36 -13.05
N GLN A 443 -21.65 33.56 -12.27
CA GLN A 443 -22.98 33.83 -12.83
C GLN A 443 -22.93 35.14 -13.65
N VAL A 444 -22.26 36.14 -13.08
CA VAL A 444 -22.05 37.45 -13.73
C VAL A 444 -21.26 37.29 -15.03
N LEU A 445 -20.11 36.62 -14.92
CA LEU A 445 -19.33 36.23 -16.10
C LEU A 445 -20.15 35.56 -17.19
N ALA A 446 -20.82 34.44 -16.85
CA ALA A 446 -21.67 33.67 -17.80
C ALA A 446 -22.78 34.54 -18.44
N TYR A 447 -23.47 35.32 -17.59
CA TYR A 447 -24.45 36.33 -18.03
C TYR A 447 -23.83 37.27 -19.08
N THR A 448 -22.68 37.85 -18.74
CA THR A 448 -21.96 38.70 -19.68
C THR A 448 -21.67 37.94 -21.00
N GLY A 449 -21.19 36.70 -20.87
CA GLY A 449 -20.94 35.85 -22.04
C GLY A 449 -22.17 35.67 -22.91
N LEU A 450 -23.33 35.49 -22.26
CA LEU A 450 -24.62 35.33 -22.97
C LEU A 450 -25.03 36.61 -23.65
N ILE A 451 -24.90 37.72 -22.95
CA ILE A 451 -25.20 38.99 -23.60
C ILE A 451 -24.30 39.20 -24.80
N ALA A 452 -23.01 38.89 -24.67
CA ALA A 452 -22.11 39.10 -25.79
C ALA A 452 -22.43 38.27 -27.05
N THR A 453 -22.66 36.96 -26.87
CA THR A 453 -22.80 36.00 -27.99
C THR A 453 -24.22 35.51 -28.32
N GLY A 454 -25.14 35.56 -27.35
CA GLY A 454 -26.50 35.03 -27.56
C GLY A 454 -26.71 33.62 -26.98
N LYS A 455 -25.59 32.95 -26.66
CA LYS A 455 -25.64 31.60 -26.07
C LYS A 455 -24.84 31.48 -24.77
N LEU A 456 -25.42 30.75 -23.82
CA LEU A 456 -24.83 30.59 -22.50
C LEU A 456 -23.72 29.55 -22.52
N ALA A 457 -22.51 30.00 -22.21
CA ALA A 457 -21.35 29.13 -22.14
C ALA A 457 -21.28 28.57 -20.75
N THR A 458 -20.74 27.38 -20.64
CA THR A 458 -20.52 26.79 -19.34
C THR A 458 -19.06 27.01 -19.03
N PRO A 459 -18.76 27.86 -18.02
CA PRO A 459 -17.35 28.11 -17.69
C PRO A 459 -16.70 26.83 -17.18
N HIS A 460 -15.57 26.47 -17.77
CA HIS A 460 -14.81 25.34 -17.27
C HIS A 460 -13.30 25.57 -17.37
N PHE A 461 -12.56 24.72 -16.64
CA PHE A 461 -11.09 24.74 -16.63
C PHE A 461 -10.53 23.64 -17.50
N ALA A 462 -10.92 22.41 -17.22
CA ALA A 462 -10.41 21.23 -17.94
C ALA A 462 -10.63 21.31 -19.45
N ILE A 463 -9.55 21.49 -20.21
CA ILE A 463 -9.68 21.72 -21.66
C ILE A 463 -10.57 20.72 -22.40
N ASN A 464 -10.56 19.46 -21.97
CA ASN A 464 -11.27 18.41 -22.70
C ASN A 464 -12.67 18.14 -22.25
N ASN A 465 -13.34 19.13 -21.67
CA ASN A 465 -14.77 19.05 -21.53
C ASN A 465 -15.43 19.81 -22.64
N LYS A 466 -15.63 19.15 -23.76
CA LYS A 466 -16.58 19.66 -24.72
C LYS A 466 -17.78 20.10 -23.83
N GLN A 467 -17.97 21.40 -23.73
CA GLN A 467 -19.09 21.98 -22.99
C GLN A 467 -19.99 22.75 -23.98
N PRO A 468 -20.98 22.05 -24.56
CA PRO A 468 -21.79 22.64 -25.60
C PRO A 468 -22.56 23.86 -25.11
N LEU A 469 -22.64 24.89 -25.95
CA LEU A 469 -23.26 26.15 -25.58
C LEU A 469 -24.77 25.98 -25.41
N LYS A 470 -25.28 26.34 -24.24
CA LYS A 470 -26.71 26.23 -23.99
C LYS A 470 -27.47 27.43 -24.56
N ASP A 471 -28.71 27.22 -24.97
CA ASP A 471 -29.48 28.31 -25.51
C ASP A 471 -30.75 28.53 -24.75
N PRO A 472 -30.71 29.40 -23.74
CA PRO A 472 -31.88 29.64 -22.93
C PRO A 472 -32.80 30.76 -23.45
N LEU A 473 -32.29 31.64 -24.31
CA LEU A 473 -33.03 32.82 -24.77
C LEU A 473 -33.68 32.53 -26.08
N ASN A 474 -34.87 33.09 -26.31
CA ASN A 474 -35.58 32.92 -27.58
C ASN A 474 -35.19 33.98 -28.63
N SER A 475 -35.61 33.76 -29.87
CA SER A 475 -35.25 34.65 -31.00
C SER A 475 -35.46 36.15 -30.72
N PHE A 476 -36.59 36.50 -30.11
CA PHE A 476 -36.87 37.88 -29.78
C PHE A 476 -35.84 38.44 -28.80
N GLN A 477 -35.41 37.62 -27.85
CA GLN A 477 -34.46 38.08 -26.81
C GLN A 477 -33.06 38.27 -27.38
N LYS A 478 -32.59 37.26 -28.12
CA LYS A 478 -31.31 37.35 -28.84
C LYS A 478 -31.29 38.59 -29.71
N LYS A 479 -32.39 38.86 -30.39
CA LYS A 479 -32.50 40.08 -31.18
C LYS A 479 -32.33 41.30 -30.29
N LYS A 480 -32.97 41.30 -29.12
CA LYS A 480 -32.93 42.47 -28.24
C LYS A 480 -31.62 42.61 -27.47
N LEU A 481 -30.79 41.58 -27.45
CA LEU A 481 -29.45 41.72 -26.87
C LEU A 481 -28.63 42.82 -27.60
N GLN A 482 -28.87 42.94 -28.90
CA GLN A 482 -28.22 43.95 -29.69
C GLN A 482 -28.27 45.32 -29.03
N ALA A 483 -29.43 45.72 -28.53
CA ALA A 483 -29.52 46.99 -27.86
C ALA A 483 -28.53 46.98 -26.71
N LEU A 484 -28.67 45.98 -25.87
CA LEU A 484 -27.93 45.89 -24.62
C LEU A 484 -26.41 45.99 -24.82
N ARG A 485 -25.90 45.32 -25.86
CA ARG A 485 -24.48 45.45 -26.20
C ARG A 485 -24.11 46.91 -26.49
N VAL A 486 -24.93 47.59 -27.30
CA VAL A 486 -24.69 49.01 -27.61
C VAL A 486 -24.70 49.82 -26.33
N GLY A 487 -25.70 49.58 -25.49
CA GLY A 487 -25.69 50.15 -24.15
C GLY A 487 -24.33 49.97 -23.46
N MET A 488 -23.90 48.72 -23.33
CA MET A 488 -22.61 48.45 -22.66
C MET A 488 -21.41 49.11 -23.33
N TYR A 489 -21.50 49.28 -24.65
CA TYR A 489 -20.46 49.96 -25.43
C TYR A 489 -20.47 51.43 -25.07
N GLU A 490 -21.66 52.00 -24.88
CA GLU A 490 -21.72 53.40 -24.46
C GLU A 490 -21.08 53.64 -23.08
N VAL A 491 -21.22 52.68 -22.17
CA VAL A 491 -20.69 52.84 -20.81
C VAL A 491 -19.19 53.06 -20.84
N CYS A 492 -18.55 52.38 -21.80
CA CYS A 492 -17.10 52.42 -21.98
C CYS A 492 -16.65 53.51 -22.96
N ASN A 493 -17.49 53.80 -23.97
CA ASN A 493 -17.09 54.62 -25.14
C ASN A 493 -17.84 55.95 -25.39
N HIS A 494 -18.99 56.15 -24.76
CA HIS A 494 -19.70 57.41 -24.84
C HIS A 494 -19.21 58.27 -23.67
N LYS A 495 -19.00 59.57 -23.90
CA LYS A 495 -18.31 60.42 -22.91
C LYS A 495 -19.05 60.55 -21.55
N ASP A 496 -20.35 60.26 -21.54
CA ASP A 496 -21.13 60.22 -20.31
C ASP A 496 -21.23 58.84 -19.69
N GLY A 497 -20.67 57.83 -20.33
CA GLY A 497 -20.63 56.49 -19.76
C GLY A 497 -19.83 56.44 -18.47
N THR A 498 -20.36 55.70 -17.49
CA THR A 498 -19.78 55.65 -16.15
C THR A 498 -18.32 55.23 -16.12
N ALA A 499 -17.93 54.43 -17.12
CA ALA A 499 -16.58 53.94 -17.19
C ALA A 499 -15.82 54.59 -18.34
N TYR A 500 -16.15 55.84 -18.69
CA TYR A 500 -15.47 56.48 -19.81
C TYR A 500 -14.04 56.87 -19.42
N HIS A 501 -13.90 57.73 -18.42
CA HIS A 501 -12.56 58.18 -17.98
C HIS A 501 -11.81 57.01 -17.33
N SER A 502 -12.58 56.02 -16.89
CA SER A 502 -12.06 54.84 -16.23
C SER A 502 -11.25 53.94 -17.18
N THR A 503 -11.78 53.70 -18.38
CA THR A 503 -11.26 52.67 -19.27
C THR A 503 -10.44 53.20 -20.45
N ARG A 504 -9.85 54.37 -20.29
CA ARG A 504 -9.07 54.97 -21.37
C ARG A 504 -7.70 54.31 -21.49
N GLY A 505 -7.16 54.31 -22.70
CA GLY A 505 -5.88 53.68 -23.01
C GLY A 505 -5.98 52.19 -23.31
N SER A 506 -7.08 51.76 -23.93
CA SER A 506 -7.32 50.35 -24.27
C SER A 506 -7.09 50.05 -25.76
N LYS A 507 -6.22 49.07 -26.04
CA LYS A 507 -5.90 48.66 -27.41
C LYS A 507 -7.16 48.22 -28.16
N ILE A 508 -7.98 47.37 -27.54
CA ILE A 508 -9.20 46.87 -28.20
C ILE A 508 -10.43 47.54 -27.62
N THR A 509 -11.46 47.68 -28.45
CA THR A 509 -12.73 48.27 -28.04
C THR A 509 -13.47 47.41 -27.00
N LEU A 510 -13.84 48.03 -25.89
CA LEU A 510 -14.48 47.35 -24.77
C LEU A 510 -15.93 47.78 -24.62
N ALA A 511 -16.78 46.82 -24.27
CA ALA A 511 -18.17 47.08 -23.89
C ALA A 511 -18.32 46.59 -22.49
N CYS A 512 -18.69 47.47 -21.56
CA CYS A 512 -18.61 47.11 -20.14
C CYS A 512 -19.80 47.59 -19.36
N LYS A 513 -19.88 47.13 -18.12
CA LYS A 513 -20.91 47.58 -17.19
C LYS A 513 -20.36 47.50 -15.77
N THR A 514 -20.52 48.60 -15.05
CA THR A 514 -19.98 48.76 -13.71
C THR A 514 -21.09 48.49 -12.74
N GLY A 515 -20.72 48.14 -11.52
CA GLY A 515 -21.74 48.00 -10.48
C GLY A 515 -21.15 48.15 -9.12
N THR A 516 -22.03 48.30 -8.13
CA THR A 516 -21.65 48.24 -6.72
C THR A 516 -22.64 47.37 -5.93
N ALA A 517 -22.12 46.72 -4.90
CA ALA A 517 -22.92 45.88 -4.03
C ALA A 517 -22.85 46.47 -2.63
N GLN A 518 -24.01 46.60 -2.01
CA GLN A 518 -24.08 47.09 -0.65
C GLN A 518 -23.68 45.95 0.28
N VAL A 519 -23.08 46.30 1.41
CA VAL A 519 -22.45 45.31 2.26
C VAL A 519 -23.43 44.72 3.28
N VAL A 520 -23.40 43.39 3.45
CA VAL A 520 -24.17 42.67 4.50
C VAL A 520 -23.25 42.25 5.66
N ARG A 540 -17.55 49.76 3.52
CA ARG A 540 -17.57 50.31 2.15
C ARG A 540 -18.00 49.30 1.08
N SER A 541 -18.62 49.81 0.02
CA SER A 541 -19.30 48.97 -1.01
C SER A 541 -18.39 48.15 -1.97
N HIS A 542 -18.78 46.90 -2.24
CA HIS A 542 -18.08 46.02 -3.18
C HIS A 542 -18.27 46.58 -4.57
N ALA A 543 -17.25 46.50 -5.42
CA ALA A 543 -17.32 47.05 -6.79
C ALA A 543 -17.16 46.00 -7.87
N TRP A 544 -18.11 46.02 -8.80
CA TRP A 544 -18.13 45.14 -9.96
C TRP A 544 -17.72 45.90 -11.21
N ILE A 545 -16.97 45.24 -12.10
CA ILE A 545 -17.03 45.62 -13.52
C ILE A 545 -17.10 44.35 -14.37
N THR A 546 -17.93 44.34 -15.39
CA THR A 546 -18.08 43.13 -16.22
C THR A 546 -18.15 43.55 -17.67
N ALA A 547 -17.55 42.74 -18.54
CA ALA A 547 -17.23 43.21 -19.88
C ALA A 547 -17.05 42.08 -20.88
N PHE A 548 -17.03 42.47 -22.16
CA PHE A 548 -16.73 41.56 -23.26
C PHE A 548 -15.97 42.33 -24.29
N LEU A 549 -15.27 41.58 -25.14
CA LEU A 549 -14.47 42.15 -26.21
C LEU A 549 -14.09 41.10 -27.28
N PRO A 550 -13.71 41.59 -28.50
CA PRO A 550 -13.92 42.97 -28.95
C PRO A 550 -15.38 43.26 -29.21
N TYR A 551 -15.79 44.52 -29.04
CA TYR A 551 -17.19 44.92 -29.28
C TYR A 551 -17.68 44.54 -30.67
N GLU A 552 -16.91 44.88 -31.70
CA GLU A 552 -17.30 44.62 -33.08
C GLU A 552 -17.53 43.12 -33.34
N LYS A 553 -16.76 42.26 -32.68
CA LYS A 553 -16.92 40.79 -32.87
C LYS A 553 -16.50 39.99 -31.60
N PRO A 554 -17.35 40.01 -30.54
CA PRO A 554 -17.14 39.45 -29.19
C PRO A 554 -16.63 38.02 -29.12
N LYS A 555 -15.54 37.83 -28.39
CA LYS A 555 -15.00 36.48 -28.12
C LYS A 555 -14.83 36.28 -26.62
N TYR A 556 -14.27 37.28 -25.93
CA TYR A 556 -13.95 37.09 -24.53
C TYR A 556 -14.87 37.83 -23.59
N ALA A 557 -14.96 37.32 -22.36
CA ALA A 557 -15.71 38.00 -21.30
C ALA A 557 -14.83 38.14 -20.09
N ILE A 558 -14.93 39.27 -19.42
CA ILE A 558 -14.14 39.47 -18.24
C ILE A 558 -15.07 39.95 -17.15
N THR A 559 -14.89 39.43 -15.95
CA THR A 559 -15.72 39.82 -14.83
C THR A 559 -14.78 40.08 -13.69
N ILE A 560 -14.92 41.25 -13.06
CA ILE A 560 -14.02 41.69 -11.97
C ILE A 560 -14.77 42.18 -10.77
N LEU A 561 -14.49 41.55 -9.64
CA LEU A 561 -15.08 41.94 -8.38
C LEU A 561 -13.98 42.36 -7.42
N VAL A 562 -14.09 43.59 -6.92
CA VAL A 562 -13.22 44.01 -5.85
C VAL A 562 -14.06 44.24 -4.61
N GLU A 563 -13.69 43.60 -3.51
CA GLU A 563 -14.33 43.86 -2.23
C GLU A 563 -13.87 45.22 -1.73
N HIS A 564 -14.81 46.11 -1.47
CA HIS A 564 -14.53 47.44 -0.96
C HIS A 564 -13.68 48.26 -1.93
N GLY A 565 -13.82 47.99 -3.22
CA GLY A 565 -13.19 48.77 -4.27
C GLY A 565 -14.00 50.03 -4.50
N GLU A 566 -15.32 49.93 -4.27
CA GLU A 566 -16.23 51.08 -4.12
C GLU A 566 -16.40 51.92 -5.41
N GLY A 567 -17.39 51.56 -6.23
CA GLY A 567 -17.72 52.28 -7.48
C GLY A 567 -17.78 51.47 -8.80
N GLY A 568 -16.66 51.45 -9.52
CA GLY A 568 -16.62 50.95 -10.91
C GLY A 568 -15.64 51.73 -11.80
N SER A 569 -15.42 53.01 -11.47
CA SER A 569 -14.40 53.87 -12.12
C SER A 569 -13.02 53.94 -11.38
N LYS A 570 -12.69 52.88 -10.63
CA LYS A 570 -11.31 52.50 -10.30
C LYS A 570 -11.01 51.21 -11.05
N LEU A 571 -12.03 50.38 -11.22
CA LEU A 571 -11.89 49.05 -11.80
C LEU A 571 -11.66 49.05 -13.31
N GLY A 572 -12.14 50.07 -13.99
CA GLY A 572 -11.92 50.18 -15.44
C GLY A 572 -10.44 50.07 -15.82
N GLY A 573 -9.58 50.67 -15.00
CA GLY A 573 -8.12 50.56 -15.15
C GLY A 573 -7.67 49.11 -15.18
N LEU A 574 -8.29 48.27 -14.35
CA LEU A 574 -7.98 46.84 -14.30
C LEU A 574 -8.49 46.14 -15.56
N LEU A 575 -9.70 46.48 -15.98
CA LEU A 575 -10.24 45.91 -17.21
C LEU A 575 -9.30 46.23 -18.37
N VAL A 576 -8.91 47.50 -18.47
CA VAL A 576 -7.99 47.90 -19.53
C VAL A 576 -6.67 47.11 -19.44
N LYS A 577 -6.13 46.96 -18.24
CA LYS A 577 -4.83 46.29 -18.07
C LYS A 577 -4.86 44.84 -18.57
N MET A 578 -5.86 44.09 -18.11
CA MET A 578 -6.06 42.67 -18.51
C MET A 578 -6.43 42.57 -19.98
N SER A 579 -7.31 43.44 -20.45
CA SER A 579 -7.65 43.46 -21.87
C SER A 579 -6.38 43.65 -22.69
N ASN A 580 -5.53 44.60 -22.29
CA ASN A 580 -4.28 44.86 -23.04
C ASN A 580 -3.27 43.71 -22.99
N LYS A 581 -3.15 43.09 -21.81
CA LYS A 581 -2.32 41.91 -21.69
C LYS A 581 -2.80 40.79 -22.64
N LEU A 582 -4.09 40.71 -22.94
CA LEU A 582 -4.62 39.71 -23.89
C LEU A 582 -4.19 39.95 -25.34
N TYR A 583 -4.32 41.20 -25.77
CA TYR A 583 -3.91 41.62 -27.10
C TYR A 583 -2.40 41.44 -27.22
N GLU A 584 -1.68 41.91 -26.20
CA GLU A 584 -0.22 41.78 -26.16
C GLU A 584 0.26 40.32 -26.36
N LEU A 585 -0.46 39.36 -25.79
CA LEU A 585 -0.13 37.94 -25.96
C LEU A 585 -0.91 37.31 -27.10
N GLY A 586 -1.43 38.13 -28.01
CA GLY A 586 -2.04 37.65 -29.24
C GLY A 586 -3.30 36.81 -29.11
N TYR A 587 -4.11 37.08 -28.09
CA TYR A 587 -5.46 36.48 -28.06
C TYR A 587 -6.42 37.35 -28.91
N LEU A 588 -5.92 38.51 -29.37
CA LEU A 588 -6.66 39.48 -30.19
C LEU A 588 -5.69 40.17 -31.16
N LYS B 45 -14.53 0.99 -14.70
CA LYS B 45 -13.49 -0.08 -14.71
C LYS B 45 -12.32 0.21 -13.74
N LYS B 46 -12.39 -0.34 -12.53
CA LYS B 46 -11.40 -0.05 -11.48
C LYS B 46 -10.28 -1.10 -11.46
N GLU B 47 -9.09 -0.62 -11.11
CA GLU B 47 -7.91 -1.49 -10.96
C GLU B 47 -7.43 -1.57 -9.50
N PHE B 48 -6.77 -2.68 -9.20
CA PHE B 48 -6.42 -3.04 -7.84
C PHE B 48 -5.01 -3.59 -7.74
N LEU B 49 -4.33 -3.15 -6.68
CA LEU B 49 -3.05 -3.69 -6.29
C LEU B 49 -3.32 -4.89 -5.42
N VAL B 50 -3.37 -6.06 -6.04
CA VAL B 50 -3.67 -7.29 -5.33
C VAL B 50 -2.40 -7.94 -4.81
N PRO B 51 -2.31 -8.15 -3.48
CA PRO B 51 -1.20 -8.82 -2.87
C PRO B 51 -1.18 -10.28 -3.20
N THR B 52 -0.04 -10.71 -3.72
CA THR B 52 0.19 -12.10 -4.11
C THR B 52 1.55 -12.53 -3.58
N ARG B 53 1.90 -13.78 -3.89
CA ARG B 53 3.14 -14.37 -3.43
C ARG B 53 3.43 -15.57 -4.33
N GLY B 54 4.69 -15.98 -4.42
CA GLY B 54 5.09 -17.03 -5.39
C GLY B 54 4.58 -18.45 -5.09
N ASN B 55 4.61 -19.31 -6.11
CA ASN B 55 4.26 -20.73 -5.94
C ASN B 55 5.42 -21.58 -5.43
N ILE B 56 5.13 -22.53 -4.55
CA ILE B 56 6.13 -23.51 -4.08
C ILE B 56 5.73 -24.89 -4.58
N THR B 57 6.58 -25.52 -5.40
CA THR B 57 6.23 -26.82 -6.00
C THR B 57 7.19 -27.95 -5.60
N ASP B 58 6.75 -29.20 -5.73
CA ASP B 58 7.62 -30.35 -5.45
C ASP B 58 8.42 -30.71 -6.70
N ARG B 59 9.39 -31.61 -6.59
CA ARG B 59 10.30 -31.93 -7.72
C ARG B 59 9.60 -32.37 -9.04
N ASN B 60 8.26 -32.49 -9.00
CA ASN B 60 7.44 -32.84 -10.17
C ASN B 60 6.35 -31.83 -10.41
N ASP B 61 6.62 -30.57 -10.06
CA ASP B 61 5.71 -29.43 -10.33
C ASP B 61 4.36 -29.52 -9.62
N GLU B 62 4.24 -30.43 -8.67
CA GLU B 62 3.02 -30.58 -7.92
C GLU B 62 3.01 -29.44 -6.92
N PHE B 63 1.87 -28.77 -6.77
CA PHE B 63 1.77 -27.60 -5.92
C PHE B 63 1.81 -27.94 -4.45
N LEU B 64 2.82 -27.44 -3.76
CA LEU B 64 2.90 -27.52 -2.31
C LEU B 64 2.33 -26.26 -1.71
N ALA B 65 2.56 -25.14 -2.37
CA ALA B 65 2.01 -23.87 -1.90
C ALA B 65 1.65 -22.99 -3.07
N THR B 66 0.47 -22.35 -2.98
CA THR B 66 0.00 -21.52 -4.06
C THR B 66 -1.04 -20.54 -3.55
N ASN B 67 -1.74 -19.85 -4.45
CA ASN B 67 -2.73 -18.84 -4.05
C ASN B 67 -4.14 -19.15 -4.57
N GLU B 68 -5.15 -18.62 -3.88
CA GLU B 68 -6.49 -18.56 -4.46
C GLU B 68 -6.97 -17.14 -4.35
N LEU B 69 -7.66 -16.68 -5.37
CA LEU B 69 -8.16 -15.30 -5.42
C LEU B 69 -9.54 -15.17 -4.78
N VAL B 70 -9.63 -14.22 -3.86
CA VAL B 70 -10.88 -13.94 -3.18
C VAL B 70 -11.06 -12.44 -3.10
N PHE B 71 -12.21 -12.01 -2.63
CA PHE B 71 -12.38 -10.62 -2.29
C PHE B 71 -12.41 -10.48 -0.79
N GLY B 72 -11.69 -9.52 -0.25
CA GLY B 72 -11.86 -9.16 1.15
C GLY B 72 -12.88 -8.05 1.20
N VAL B 73 -13.79 -8.09 2.18
CA VAL B 73 -14.68 -6.98 2.42
C VAL B 73 -14.05 -6.16 3.55
N PHE B 74 -13.92 -4.84 3.33
CA PHE B 74 -13.23 -3.95 4.28
C PHE B 74 -14.15 -2.85 4.77
N LEU B 75 -13.87 -2.35 5.97
CA LEU B 75 -14.56 -1.21 6.56
C LEU B 75 -13.52 -0.16 6.92
N PRO B 76 -13.94 1.11 7.09
CA PRO B 76 -12.99 2.14 7.54
C PRO B 76 -12.50 1.89 8.95
N SER B 77 -11.24 2.18 9.21
CA SER B 77 -10.68 1.95 10.55
C SER B 77 -10.96 3.16 11.44
N GLY B 78 -10.80 2.95 12.74
CA GLY B 78 -11.21 3.93 13.77
C GLY B 78 -12.72 4.18 13.80
N LEU B 79 -13.49 3.15 13.47
CA LEU B 79 -14.93 3.30 13.28
C LEU B 79 -15.64 3.29 14.61
N LYS B 80 -16.71 4.07 14.71
CA LYS B 80 -17.49 4.17 15.93
C LYS B 80 -18.19 2.83 16.24
N GLN B 81 -18.25 2.48 17.53
CA GLN B 81 -18.83 1.19 17.98
C GLN B 81 -20.32 1.00 17.59
N LYS B 82 -21.04 2.10 17.36
CA LYS B 82 -22.46 2.08 16.94
C LYS B 82 -22.61 1.86 15.42
N ASP B 83 -21.88 2.65 14.62
CA ASP B 83 -21.79 2.44 13.17
C ASP B 83 -21.40 1.00 12.84
N LEU B 84 -20.30 0.57 13.44
CA LEU B 84 -19.71 -0.73 13.16
C LEU B 84 -20.76 -1.82 13.08
N LEU B 85 -21.46 -2.04 14.18
CA LEU B 85 -22.45 -3.11 14.26
C LEU B 85 -23.53 -2.93 13.20
N GLU B 86 -23.86 -1.68 12.87
CA GLU B 86 -24.86 -1.37 11.83
C GLU B 86 -24.37 -1.71 10.43
N LYS B 87 -23.10 -1.48 10.18
CA LYS B 87 -22.51 -1.79 8.88
C LYS B 87 -22.19 -3.29 8.76
N ILE B 88 -21.94 -3.93 9.89
CA ILE B 88 -21.77 -5.37 9.91
C ILE B 88 -23.09 -6.05 9.55
N GLU B 89 -24.20 -5.48 10.02
CA GLU B 89 -25.53 -6.01 9.73
C GLU B 89 -25.79 -6.10 8.23
N ILE B 90 -25.52 -4.99 7.53
CA ILE B 90 -25.67 -4.92 6.08
C ILE B 90 -24.84 -5.99 5.34
N ILE B 91 -23.60 -6.23 5.80
CA ILE B 91 -22.69 -7.21 5.17
C ILE B 91 -23.23 -8.65 5.23
N GLN B 92 -23.75 -9.01 6.39
CA GLN B 92 -24.31 -10.35 6.59
C GLN B 92 -25.64 -10.54 5.86
N LYS B 93 -26.34 -9.45 5.58
CA LYS B 93 -27.52 -9.54 4.73
C LYS B 93 -27.12 -9.81 3.27
N PHE B 94 -26.03 -9.19 2.83
CA PHE B 94 -25.47 -9.48 1.49
C PHE B 94 -24.95 -10.91 1.43
N PHE B 95 -24.15 -11.29 2.43
CA PHE B 95 -23.57 -12.63 2.51
C PHE B 95 -24.12 -13.38 3.72
N PRO B 96 -25.34 -13.93 3.59
CA PRO B 96 -25.98 -14.61 4.71
C PRO B 96 -25.21 -15.88 4.98
N ASN B 97 -24.30 -15.79 5.91
CA ASN B 97 -23.25 -16.77 6.09
C ASN B 97 -22.53 -16.33 7.32
N PHE B 98 -21.92 -15.16 7.20
CA PHE B 98 -21.00 -14.68 8.19
C PHE B 98 -21.71 -14.44 9.50
N SER B 99 -21.08 -14.95 10.55
CA SER B 99 -21.53 -14.78 11.91
C SER B 99 -21.31 -13.33 12.35
N LYS B 100 -22.38 -12.63 12.72
CA LYS B 100 -22.24 -11.26 13.22
C LYS B 100 -21.06 -11.13 14.20
N GLU B 101 -20.84 -12.14 15.02
CA GLU B 101 -19.75 -12.14 16.00
C GLU B 101 -18.36 -12.23 15.37
N THR B 102 -18.20 -13.07 14.33
CA THR B 102 -16.88 -13.27 13.71
C THR B 102 -16.51 -12.12 12.75
N LEU B 103 -17.50 -11.35 12.27
CA LEU B 103 -17.20 -10.11 11.51
C LEU B 103 -16.66 -9.04 12.45
N LEU B 104 -17.46 -8.69 13.46
CA LEU B 104 -17.02 -7.79 14.53
C LEU B 104 -15.63 -8.21 15.00
N ASN B 105 -15.52 -9.48 15.37
CA ASN B 105 -14.27 -10.05 15.82
C ASN B 105 -13.13 -9.82 14.81
N ASN B 106 -13.32 -10.27 13.57
CA ASN B 106 -12.36 -9.97 12.50
C ASN B 106 -11.92 -8.51 12.50
N TYR B 107 -12.88 -7.60 12.29
CA TYR B 107 -12.58 -6.16 12.28
C TYR B 107 -11.70 -5.72 13.46
N GLN B 108 -11.74 -6.50 14.56
CA GLN B 108 -11.00 -6.19 15.80
C GLN B 108 -9.74 -7.03 16.03
N LYS B 109 -9.22 -7.70 15.00
CA LYS B 109 -7.91 -8.36 15.15
C LYS B 109 -6.83 -7.29 15.17
N GLU B 110 -5.76 -7.54 15.91
CA GLU B 110 -4.60 -6.62 15.92
C GLU B 110 -3.39 -7.26 15.26
N ASN B 111 -3.64 -8.25 14.40
CA ASN B 111 -2.61 -8.91 13.64
C ASN B 111 -3.18 -9.45 12.36
N SER B 112 -3.90 -8.59 11.63
CA SER B 112 -4.47 -8.99 10.34
C SER B 112 -3.38 -8.86 9.30
N LEU B 113 -3.43 -9.74 8.31
CA LEU B 113 -2.39 -9.81 7.31
C LEU B 113 -2.64 -8.82 6.19
N TYR B 114 -3.92 -8.56 5.93
CA TYR B 114 -4.35 -7.84 4.74
C TYR B 114 -4.90 -6.43 5.00
N ASN B 115 -4.98 -6.02 6.27
CA ASN B 115 -5.47 -4.67 6.65
C ASN B 115 -4.66 -3.54 6.02
N HIS B 116 -5.33 -2.47 5.63
CA HIS B 116 -4.65 -1.26 5.17
C HIS B 116 -4.40 -0.39 6.39
N ASN B 117 -3.93 0.83 6.18
CA ASN B 117 -3.86 1.80 7.26
C ASN B 117 -5.24 2.31 7.61
N LEU B 118 -6.03 2.71 6.61
CA LEU B 118 -7.34 3.33 6.87
C LEU B 118 -8.56 2.45 6.64
N ILE B 119 -8.38 1.25 6.11
CA ILE B 119 -9.46 0.24 6.02
C ILE B 119 -9.02 -1.14 6.54
N LYS B 120 -9.93 -1.82 7.24
CA LYS B 120 -9.68 -3.13 7.82
C LYS B 120 -10.58 -4.18 7.18
N VAL B 121 -10.01 -5.38 7.03
CA VAL B 121 -10.72 -6.50 6.43
C VAL B 121 -11.57 -7.22 7.47
N VAL B 122 -12.83 -7.49 7.14
CA VAL B 122 -13.72 -8.20 8.06
C VAL B 122 -14.07 -9.62 7.61
N GLY B 123 -13.89 -9.93 6.32
CA GLY B 123 -14.20 -11.28 5.87
C GLY B 123 -13.61 -11.58 4.51
N PHE B 124 -13.54 -12.87 4.19
CA PHE B 124 -13.01 -13.33 2.91
C PHE B 124 -14.07 -14.05 2.06
N ILE B 125 -14.54 -13.37 1.00
CA ILE B 125 -15.61 -13.85 0.10
C ILE B 125 -15.04 -14.44 -1.19
N PRO B 126 -15.45 -15.67 -1.54
CA PRO B 126 -15.05 -16.24 -2.83
C PRO B 126 -15.58 -15.47 -4.04
N TYR B 127 -14.79 -15.46 -5.10
CA TYR B 127 -15.14 -14.69 -6.29
C TYR B 127 -16.51 -15.12 -6.83
N ALA B 128 -16.76 -16.42 -6.87
CA ALA B 128 -18.04 -16.95 -7.29
C ALA B 128 -19.17 -16.21 -6.59
N THR B 129 -19.04 -16.02 -5.28
CA THR B 129 -20.08 -15.40 -4.48
C THR B 129 -20.13 -13.91 -4.72
N MET B 130 -18.97 -13.28 -4.75
CA MET B 130 -18.91 -11.82 -4.81
C MET B 130 -19.42 -11.32 -6.15
N GLN B 131 -19.03 -12.02 -7.20
CA GLN B 131 -19.38 -11.64 -8.59
C GLN B 131 -20.79 -11.05 -8.72
N PRO B 132 -21.84 -11.85 -8.42
CA PRO B 132 -23.18 -11.27 -8.60
C PRO B 132 -23.38 -9.97 -7.81
N LEU B 133 -22.89 -9.92 -6.57
CA LEU B 133 -23.26 -8.84 -5.64
C LEU B 133 -22.21 -7.74 -5.47
N TYR B 134 -21.20 -7.73 -6.33
CA TYR B 134 -20.16 -6.73 -6.25
C TYR B 134 -20.73 -5.29 -6.32
N ALA B 135 -21.33 -4.96 -7.46
CA ALA B 135 -21.84 -3.59 -7.70
C ALA B 135 -22.71 -3.00 -6.56
N LYS B 136 -23.74 -3.71 -6.17
CA LYS B 136 -24.55 -3.27 -5.05
C LYS B 136 -23.74 -3.14 -3.75
N LEU B 137 -22.73 -3.99 -3.55
CA LEU B 137 -21.90 -3.91 -2.33
C LEU B 137 -20.95 -2.73 -2.37
N ILE B 138 -20.49 -2.39 -3.56
CA ILE B 138 -19.73 -1.16 -3.78
C ILE B 138 -20.61 0.04 -3.52
N GLN B 139 -21.83 0.01 -4.07
CA GLN B 139 -22.78 1.13 -3.94
C GLN B 139 -23.14 1.54 -2.51
N THR B 140 -23.05 0.61 -1.56
CA THR B 140 -23.38 0.90 -0.17
C THR B 140 -22.27 1.69 0.55
N GLN B 141 -22.68 2.76 1.21
CA GLN B 141 -21.77 3.71 1.81
C GLN B 141 -20.86 3.02 2.79
N GLY B 142 -19.56 3.25 2.65
CA GLY B 142 -18.57 2.89 3.67
C GLY B 142 -18.11 1.46 3.62
N ILE B 143 -18.43 0.77 2.52
CA ILE B 143 -18.09 -0.64 2.39
C ILE B 143 -17.29 -0.86 1.11
N PHE B 144 -16.26 -1.69 1.23
CA PHE B 144 -15.26 -1.92 0.17
C PHE B 144 -15.01 -3.39 -0.10
N ALA B 145 -14.81 -3.71 -1.38
CA ALA B 145 -14.46 -5.05 -1.83
C ALA B 145 -13.16 -4.99 -2.62
N LEU B 146 -12.13 -5.66 -2.08
CA LEU B 146 -10.77 -5.63 -2.63
C LEU B 146 -10.21 -7.03 -2.91
N PRO B 147 -9.68 -7.27 -4.14
CA PRO B 147 -9.16 -8.59 -4.47
C PRO B 147 -7.85 -8.96 -3.76
N LEU B 148 -7.83 -10.16 -3.18
CA LEU B 148 -6.68 -10.65 -2.43
C LEU B 148 -6.39 -12.06 -2.88
N ASP B 149 -5.11 -12.27 -3.23
CA ASP B 149 -4.64 -13.55 -3.74
C ASP B 149 -3.93 -14.21 -2.59
N LYS B 150 -4.72 -14.81 -1.70
CA LYS B 150 -4.21 -15.30 -0.46
C LYS B 150 -3.65 -16.70 -0.59
N ARG B 151 -2.83 -17.04 0.39
CA ARG B 151 -2.09 -18.29 0.42
C ARG B 151 -3.05 -19.46 0.60
N TYR B 152 -2.70 -20.58 -0.02
CA TYR B 152 -3.48 -21.78 0.02
C TYR B 152 -2.56 -22.99 -0.10
N TYR B 153 -2.62 -23.89 0.88
CA TYR B 153 -1.80 -25.10 0.87
C TYR B 153 -2.70 -26.29 0.60
N PRO B 154 -2.59 -26.91 -0.58
CA PRO B 154 -3.58 -27.92 -0.94
C PRO B 154 -3.50 -29.18 -0.11
N ASN B 155 -2.30 -29.58 0.29
CA ASN B 155 -2.11 -30.80 1.06
C ASN B 155 -2.08 -30.59 2.57
N ASN B 156 -2.48 -29.41 3.03
CA ASN B 156 -2.62 -29.10 4.46
C ASN B 156 -1.36 -29.28 5.28
N ALA B 157 -1.32 -30.33 6.12
CA ALA B 157 -0.19 -30.56 7.02
C ALA B 157 1.09 -31.04 6.32
N LEU B 158 0.93 -31.75 5.20
CA LEU B 158 2.07 -32.23 4.43
C LEU B 158 3.23 -31.23 4.44
N ALA B 159 4.40 -31.69 4.88
CA ALA B 159 5.64 -30.90 4.79
C ALA B 159 5.55 -29.50 5.44
N SER B 160 4.73 -29.39 6.49
CA SER B 160 4.48 -28.09 7.11
C SER B 160 5.74 -27.44 7.65
N HIS B 161 6.62 -28.23 8.26
CA HIS B 161 7.86 -27.70 8.81
C HIS B 161 8.92 -27.39 7.76
N VAL B 162 8.82 -28.03 6.60
CA VAL B 162 9.61 -27.65 5.44
C VAL B 162 9.12 -26.33 4.84
N LEU B 163 7.82 -26.29 4.53
CA LEU B 163 7.26 -25.15 3.81
C LEU B 163 7.22 -23.92 4.70
N GLY B 164 6.57 -24.06 5.85
CA GLY B 164 6.43 -22.94 6.76
C GLY B 164 5.29 -22.07 6.30
N TYR B 165 4.98 -21.04 7.08
CA TYR B 165 3.79 -20.25 6.86
C TYR B 165 4.09 -18.77 6.78
N VAL B 166 3.25 -18.06 6.04
CA VAL B 166 3.29 -16.61 5.95
C VAL B 166 2.59 -16.01 7.14
N GLY B 167 2.97 -14.77 7.48
CA GLY B 167 2.37 -14.07 8.60
C GLY B 167 2.52 -12.58 8.54
N VAL B 168 1.82 -11.89 9.44
CA VAL B 168 1.96 -10.44 9.53
C VAL B 168 3.31 -10.10 10.18
N ALA B 169 4.02 -9.13 9.60
CA ALA B 169 5.38 -8.80 10.03
C ALA B 169 5.35 -8.12 11.37
N SER B 170 6.07 -8.66 12.35
CA SER B 170 5.95 -8.16 13.71
C SER B 170 6.86 -6.97 14.02
N LEU B 171 6.63 -6.35 15.18
CA LEU B 171 7.39 -5.17 15.62
C LEU B 171 8.85 -5.49 15.87
N GLN B 172 9.12 -6.61 16.54
CA GLN B 172 10.49 -7.04 16.74
C GLN B 172 11.18 -7.44 15.41
N ASP B 173 10.41 -7.87 14.40
CA ASP B 173 10.96 -8.10 13.06
C ASP B 173 11.43 -6.76 12.48
N LEU B 174 10.52 -5.79 12.50
CA LEU B 174 10.70 -4.50 11.86
C LEU B 174 11.77 -3.71 12.53
N LYS B 175 11.79 -3.78 13.85
CA LYS B 175 12.74 -3.04 14.65
C LYS B 175 14.16 -3.56 14.45
N ASP B 176 14.30 -4.83 14.06
CA ASP B 176 15.61 -5.47 13.84
C ASP B 176 16.05 -5.49 12.39
N ASP B 177 15.26 -4.94 11.48
CA ASP B 177 15.53 -5.05 10.05
C ASP B 177 16.78 -4.29 9.56
N GLU B 178 17.63 -4.99 8.80
CA GLU B 178 18.85 -4.39 8.21
C GLU B 178 18.86 -4.42 6.68
N GLU B 179 17.69 -4.57 6.05
CA GLU B 179 17.58 -4.65 4.56
C GLU B 179 16.40 -3.88 3.94
N ASN B 180 15.89 -2.87 4.64
CA ASN B 180 14.77 -2.07 4.15
C ASN B 180 13.57 -2.94 3.79
N GLN B 181 13.37 -4.01 4.56
CA GLN B 181 12.30 -4.93 4.34
C GLN B 181 11.12 -4.43 5.16
N TYR B 182 10.27 -3.65 4.50
CA TYR B 182 9.19 -2.94 5.15
C TYR B 182 7.84 -3.59 4.89
N SER B 183 7.83 -4.82 4.34
CA SER B 183 6.57 -5.45 3.93
C SER B 183 5.83 -5.99 5.12
N GLN B 184 4.54 -5.82 5.09
CA GLN B 184 3.66 -6.28 6.14
C GLN B 184 3.43 -7.79 6.08
N ILE B 185 3.64 -8.37 4.90
CA ILE B 185 3.47 -9.80 4.68
C ILE B 185 4.84 -10.45 4.53
N VAL B 186 5.18 -11.37 5.43
CA VAL B 186 6.48 -12.10 5.34
C VAL B 186 6.37 -13.54 5.81
N GLY B 187 7.28 -14.38 5.30
CA GLY B 187 7.41 -15.74 5.76
C GLY B 187 7.84 -15.75 7.22
N LYS B 188 7.32 -16.70 7.98
CA LYS B 188 7.65 -16.78 9.39
C LYS B 188 8.53 -17.98 9.76
N THR B 189 8.36 -19.09 9.05
CA THR B 189 9.22 -20.26 9.25
C THR B 189 9.55 -20.95 7.94
N GLY B 190 10.56 -21.82 8.00
CA GLY B 190 10.93 -22.70 6.87
C GLY B 190 11.15 -22.00 5.53
N ILE B 191 10.76 -22.68 4.46
CA ILE B 191 11.00 -22.14 3.11
C ILE B 191 10.41 -20.73 2.89
N GLU B 192 9.22 -20.47 3.45
CA GLU B 192 8.52 -19.17 3.28
C GLU B 192 9.42 -18.03 3.74
N LYS B 193 10.13 -18.26 4.83
CA LYS B 193 11.05 -17.26 5.34
C LYS B 193 12.35 -17.36 4.56
N GLU B 194 12.91 -18.55 4.47
CA GLU B 194 14.18 -18.71 3.76
C GLU B 194 14.22 -18.00 2.43
N TYR B 195 13.16 -18.14 1.64
CA TYR B 195 13.15 -17.50 0.31
C TYR B 195 12.13 -16.38 0.19
N ASN B 196 11.82 -15.74 1.32
CA ASN B 196 10.82 -14.67 1.34
C ASN B 196 11.06 -13.68 0.24
N LYS B 197 12.32 -13.30 0.08
CA LYS B 197 12.72 -12.34 -0.91
C LYS B 197 12.35 -12.85 -2.31
N LEU B 198 12.68 -14.10 -2.59
CA LEU B 198 12.43 -14.68 -3.92
C LEU B 198 10.93 -14.78 -4.18
N LEU B 199 10.22 -15.32 -3.19
CA LEU B 199 8.78 -15.57 -3.28
C LEU B 199 7.92 -14.30 -3.30
N GLN B 200 8.37 -13.25 -2.60
CA GLN B 200 7.64 -11.99 -2.53
C GLN B 200 7.65 -11.24 -3.86
N GLY B 201 8.59 -11.57 -4.74
CA GLY B 201 8.61 -10.95 -6.03
C GLY B 201 9.22 -9.59 -5.94
N LYS B 202 9.05 -8.81 -6.99
CA LYS B 202 9.73 -7.53 -7.11
C LYS B 202 9.14 -6.48 -6.17
N VAL B 203 7.80 -6.35 -6.15
CA VAL B 203 7.10 -5.41 -5.22
C VAL B 203 6.13 -6.01 -4.19
N GLY B 204 5.68 -7.24 -4.42
CA GLY B 204 4.76 -7.92 -3.49
C GLY B 204 3.31 -8.01 -3.93
N TYR B 205 3.03 -7.51 -5.15
CA TYR B 205 1.67 -7.32 -5.64
C TYR B 205 1.58 -7.54 -7.15
N LYS B 206 0.36 -7.77 -7.63
CA LYS B 206 0.04 -7.73 -9.06
C LYS B 206 -1.14 -6.82 -9.27
N ILE B 207 -1.33 -6.36 -10.51
CA ILE B 207 -2.39 -5.39 -10.81
C ILE B 207 -3.58 -6.05 -11.55
N MET B 208 -4.78 -5.97 -10.96
CA MET B 208 -5.95 -6.61 -11.58
C MET B 208 -7.03 -5.60 -11.89
N ARG B 209 -7.85 -5.89 -12.89
CA ARG B 209 -8.95 -5.00 -13.26
C ARG B 209 -10.28 -5.69 -12.99
N VAL B 210 -11.21 -4.95 -12.38
CA VAL B 210 -12.57 -5.46 -12.22
C VAL B 210 -13.55 -4.61 -13.04
N ASN B 211 -14.35 -5.27 -13.88
CA ASN B 211 -15.36 -4.59 -14.71
C ASN B 211 -16.77 -4.96 -14.27
N ALA B 212 -17.30 -4.19 -13.33
CA ALA B 212 -18.71 -4.22 -12.99
C ALA B 212 -19.34 -3.15 -13.86
N LEU B 213 -19.60 -3.54 -15.09
CA LEU B 213 -20.12 -2.64 -16.11
C LEU B 213 -21.56 -2.27 -15.72
N ASN B 214 -22.32 -1.70 -16.66
CA ASN B 214 -23.76 -1.60 -16.47
C ASN B 214 -24.31 -2.99 -16.18
N GLN B 215 -23.66 -4.01 -16.75
CA GLN B 215 -23.93 -5.41 -16.41
C GLN B 215 -23.88 -5.71 -14.93
N GLU B 216 -24.46 -6.84 -14.57
CA GLU B 216 -24.66 -7.21 -13.18
C GLU B 216 -23.60 -8.22 -12.68
N LEU B 217 -22.59 -8.50 -13.51
CA LEU B 217 -21.53 -9.46 -13.13
C LEU B 217 -20.16 -8.83 -13.23
N ALA B 218 -19.27 -9.24 -12.32
CA ALA B 218 -17.93 -8.69 -12.24
C ALA B 218 -16.98 -9.62 -12.94
N THR B 219 -16.26 -9.12 -13.95
CA THR B 219 -15.20 -9.90 -14.60
C THR B 219 -13.85 -9.56 -13.93
N LEU B 220 -12.83 -10.34 -14.20
CA LEU B 220 -11.55 -10.18 -13.53
C LEU B 220 -10.41 -10.43 -14.49
N GLU B 221 -9.62 -9.39 -14.70
CA GLU B 221 -8.50 -9.47 -15.61
C GLU B 221 -7.22 -9.21 -14.79
N VAL B 222 -6.14 -9.88 -15.19
CA VAL B 222 -4.82 -9.60 -14.65
C VAL B 222 -4.11 -8.74 -15.67
N VAL B 223 -3.74 -7.50 -15.28
CA VAL B 223 -3.04 -6.59 -16.23
C VAL B 223 -1.51 -6.64 -16.08
N LEU B 224 -1.03 -6.70 -14.85
CA LEU B 224 0.38 -6.86 -14.60
C LEU B 224 0.53 -7.95 -13.57
N PRO B 225 1.26 -9.02 -13.92
CA PRO B 225 1.63 -10.06 -12.93
C PRO B 225 2.78 -9.68 -11.99
N SER B 226 3.12 -10.60 -11.09
CA SER B 226 4.30 -10.49 -10.23
C SER B 226 5.14 -11.72 -10.47
N THR B 227 5.96 -11.69 -11.50
CA THR B 227 6.60 -12.91 -11.97
C THR B 227 8.02 -13.08 -11.42
N ASN B 228 8.65 -14.20 -11.84
CA ASN B 228 10.02 -14.60 -11.46
C ASN B 228 10.10 -14.98 -9.99
N ASN B 229 9.14 -15.78 -9.53
CA ASN B 229 9.04 -16.11 -8.11
C ASN B 229 8.51 -17.52 -7.78
N HIS B 230 8.38 -18.39 -8.78
CA HIS B 230 8.07 -19.80 -8.50
C HIS B 230 9.33 -20.44 -7.91
N LEU B 231 9.17 -21.16 -6.78
CA LEU B 231 10.25 -21.94 -6.19
C LEU B 231 9.94 -23.44 -6.26
N GLN B 232 10.96 -24.20 -6.60
CA GLN B 232 10.82 -25.63 -6.79
C GLN B 232 11.70 -26.39 -5.82
N LEU B 233 11.04 -27.18 -4.99
CA LEU B 233 11.70 -28.01 -4.04
C LEU B 233 11.98 -29.38 -4.63
N SER B 234 12.94 -30.07 -4.03
CA SER B 234 13.33 -31.42 -4.39
C SER B 234 12.47 -32.50 -3.72
N LEU B 235 11.50 -32.12 -2.90
CA LEU B 235 10.69 -33.11 -2.23
C LEU B 235 9.96 -33.90 -3.26
N ASP B 236 9.57 -35.11 -2.89
CA ASP B 236 8.53 -35.83 -3.64
C ASP B 236 7.26 -35.95 -2.77
N LYS B 237 6.25 -35.17 -3.14
CA LYS B 237 4.90 -35.23 -2.56
C LYS B 237 4.46 -36.67 -2.28
N ARG B 238 4.70 -37.56 -3.25
CA ARG B 238 4.31 -38.96 -3.13
C ARG B 238 5.02 -39.67 -2.00
N LEU B 239 6.31 -39.39 -1.83
CA LEU B 239 7.12 -40.02 -0.77
C LEU B 239 6.78 -39.43 0.59
N GLN B 240 6.67 -38.10 0.61
CA GLN B 240 6.27 -37.39 1.83
C GLN B 240 4.94 -37.96 2.40
N LYS B 241 4.03 -38.34 1.51
CA LYS B 241 2.79 -38.99 1.93
C LYS B 241 3.03 -40.33 2.59
N GLU B 242 3.88 -41.15 1.99
CA GLU B 242 4.24 -42.45 2.57
C GLU B 242 4.89 -42.24 3.95
N ALA B 243 5.74 -41.22 4.05
CA ALA B 243 6.31 -40.82 5.35
C ALA B 243 5.19 -40.44 6.33
N ASP B 244 4.23 -39.62 5.88
CA ASP B 244 3.07 -39.28 6.72
C ASP B 244 2.28 -40.53 7.15
N LYS B 245 2.14 -41.50 6.26
CA LYS B 245 1.50 -42.76 6.59
C LYS B 245 2.31 -43.53 7.63
N LEU B 246 3.63 -43.63 7.45
CA LEU B 246 4.48 -44.38 8.38
C LEU B 246 4.47 -43.83 9.79
N PHE B 247 4.26 -42.53 9.95
CA PHE B 247 4.21 -41.91 11.27
C PHE B 247 2.77 -41.60 11.77
N GLU B 248 1.77 -42.37 11.32
CA GLU B 248 0.35 -42.02 11.55
C GLU B 248 -0.01 -41.77 13.02
N ASN B 249 0.45 -42.64 13.92
CA ASN B 249 0.27 -42.45 15.36
C ASN B 249 1.57 -42.10 16.07
N LYS B 250 2.67 -42.03 15.32
CA LYS B 250 3.99 -41.87 15.88
C LYS B 250 4.42 -40.43 16.01
N ARG B 251 5.54 -40.23 16.71
CA ARG B 251 6.17 -38.91 16.84
C ARG B 251 7.66 -38.98 16.53
N GLY B 252 8.19 -37.92 15.94
CA GLY B 252 9.60 -37.86 15.62
C GLY B 252 9.86 -37.30 14.24
N ALA B 253 10.77 -37.92 13.50
CA ALA B 253 11.19 -37.33 12.24
C ALA B 253 11.73 -38.32 11.24
N ILE B 254 11.62 -37.96 9.97
CA ILE B 254 12.17 -38.78 8.90
C ILE B 254 12.65 -37.97 7.67
N LEU B 255 13.83 -38.38 7.16
CA LEU B 255 14.47 -37.70 6.06
C LEU B 255 14.94 -38.72 5.04
N VAL B 256 14.83 -38.37 3.77
CA VAL B 256 15.34 -39.22 2.71
C VAL B 256 16.14 -38.34 1.77
N MET B 257 17.42 -38.62 1.63
CA MET B 257 18.31 -37.71 0.94
C MET B 257 18.98 -38.39 -0.23
N ASP B 258 19.21 -37.59 -1.28
CA ASP B 258 20.09 -38.00 -2.35
C ASP B 258 21.51 -37.63 -1.94
N ALA B 259 22.31 -38.65 -1.64
CA ALA B 259 23.64 -38.46 -1.06
C ALA B 259 24.70 -38.03 -2.08
N GLU B 260 24.29 -37.87 -3.34
CA GLU B 260 25.22 -37.43 -4.37
C GLU B 260 25.15 -35.91 -4.58
N ASN B 261 24.22 -35.23 -3.89
CA ASN B 261 24.04 -33.76 -4.05
C ASN B 261 23.36 -33.01 -2.93
N GLY B 262 22.54 -33.72 -2.14
CA GLY B 262 21.92 -33.17 -0.94
C GLY B 262 20.41 -33.02 -0.99
N GLU B 263 19.81 -33.30 -2.15
CA GLU B 263 18.38 -33.12 -2.32
C GLU B 263 17.58 -33.95 -1.35
N LEU B 264 16.75 -33.25 -0.60
CA LEU B 264 15.86 -33.93 0.30
C LEU B 264 14.59 -34.32 -0.44
N LEU B 265 14.40 -35.62 -0.62
CA LEU B 265 13.15 -36.14 -1.17
C LEU B 265 12.01 -36.13 -0.16
N VAL B 266 12.32 -36.46 1.09
CA VAL B 266 11.34 -36.48 2.18
C VAL B 266 11.92 -35.73 3.36
N ALA B 267 11.05 -35.10 4.16
CA ALA B 267 11.45 -34.43 5.39
C ALA B 267 10.24 -34.17 6.23
N GLY B 268 9.98 -35.07 7.19
CA GLY B 268 8.80 -34.95 8.04
C GLY B 268 9.17 -34.73 9.49
N SER B 269 8.47 -33.81 10.14
CA SER B 269 8.58 -33.62 11.59
C SER B 269 7.20 -33.81 12.22
N TYR B 270 6.98 -34.98 12.82
CA TYR B 270 5.64 -35.33 13.28
C TYR B 270 5.47 -35.11 14.77
N PRO B 271 4.32 -34.57 15.17
CA PRO B 271 3.16 -34.21 14.32
C PRO B 271 3.36 -32.93 13.51
N GLU B 272 2.82 -32.92 12.29
CA GLU B 272 2.78 -31.69 11.49
C GLU B 272 1.58 -30.81 11.95
N TYR B 273 1.49 -29.58 11.46
CA TYR B 273 0.31 -28.74 11.69
C TYR B 273 -0.29 -28.35 10.35
N ASN B 274 -1.57 -27.99 10.33
CA ASN B 274 -2.25 -27.65 9.07
C ASN B 274 -2.02 -26.20 8.67
N LEU B 275 -1.08 -26.00 7.73
CA LEU B 275 -0.64 -24.66 7.33
C LEU B 275 -1.76 -23.66 7.07
N ASN B 276 -2.84 -24.12 6.46
CA ASN B 276 -4.00 -23.26 6.21
C ASN B 276 -4.48 -22.51 7.45
N ASP B 277 -4.40 -23.13 8.63
CA ASP B 277 -4.73 -22.41 9.87
C ASP B 277 -4.07 -21.03 9.99
N PHE B 278 -2.97 -20.80 9.25
CA PHE B 278 -2.20 -19.54 9.31
C PHE B 278 -2.48 -18.55 8.17
N VAL B 279 -3.25 -19.00 7.17
CA VAL B 279 -3.50 -18.22 5.94
C VAL B 279 -3.96 -16.78 6.17
N GLY B 280 -5.12 -16.60 6.81
CA GLY B 280 -5.60 -15.27 7.11
C GLY B 280 -4.78 -14.57 8.19
N GLY B 281 -3.70 -15.21 8.65
CA GLY B 281 -3.02 -14.80 9.87
C GLY B 281 -3.68 -15.56 11.01
N ILE B 282 -2.87 -16.34 11.73
CA ILE B 282 -3.37 -17.29 12.73
C ILE B 282 -4.42 -16.73 13.69
N SER B 283 -5.44 -17.54 13.97
CA SER B 283 -6.45 -17.21 14.99
C SER B 283 -5.80 -17.36 16.37
N GLN B 284 -5.86 -16.30 17.17
CA GLN B 284 -5.31 -16.26 18.54
C GLN B 284 -5.52 -17.56 19.34
N ASP B 285 -6.67 -18.19 19.18
CA ASP B 285 -6.97 -19.49 19.80
C ASP B 285 -6.23 -20.63 19.12
N LYS B 286 -6.36 -20.71 17.80
CA LYS B 286 -5.70 -21.74 17.01
C LYS B 286 -4.19 -21.75 17.29
N TRP B 287 -3.61 -20.57 17.51
CA TRP B 287 -2.21 -20.46 17.95
C TRP B 287 -2.01 -21.14 19.30
N GLN B 288 -2.89 -20.84 20.25
CA GLN B 288 -2.79 -21.44 21.59
C GLN B 288 -2.70 -22.95 21.54
N LYS B 289 -3.68 -23.57 20.90
CA LYS B 289 -3.81 -25.03 20.90
C LYS B 289 -2.65 -25.73 20.19
N LEU B 290 -1.96 -25.02 19.30
CA LEU B 290 -0.70 -25.53 18.70
C LEU B 290 0.46 -25.44 19.68
N GLN B 291 0.44 -24.41 20.51
CA GLN B 291 1.49 -24.19 21.51
C GLN B 291 1.29 -25.10 22.73
N ASP B 292 0.04 -25.47 22.99
CA ASP B 292 -0.35 -26.21 24.20
C ASP B 292 -0.50 -27.73 24.00
N ASP B 293 -0.50 -28.19 22.75
CA ASP B 293 -0.50 -29.63 22.46
C ASP B 293 0.78 -30.19 23.09
N ILE B 294 0.63 -31.17 24.00
CA ILE B 294 1.78 -31.73 24.74
C ILE B 294 2.76 -32.46 23.80
N TYR B 295 2.26 -32.86 22.63
CA TYR B 295 3.11 -33.44 21.58
C TYR B 295 3.89 -32.38 20.80
N ASN B 296 3.63 -31.11 21.08
CA ASN B 296 4.44 -29.99 20.58
C ASN B 296 4.66 -29.90 19.04
N PRO B 297 3.57 -29.68 18.28
CA PRO B 297 3.64 -29.75 16.84
C PRO B 297 4.37 -28.58 16.21
N LEU B 298 4.55 -27.47 16.91
CA LEU B 298 5.24 -26.35 16.30
C LEU B 298 6.74 -26.63 16.09
N LEU B 299 7.35 -27.44 16.96
CA LEU B 299 8.74 -27.79 16.85
C LEU B 299 9.08 -28.55 15.57
N ASN B 300 10.21 -28.18 14.96
CA ASN B 300 10.80 -28.89 13.82
C ASN B 300 11.80 -29.92 14.34
N ARG B 301 11.42 -31.18 14.29
CA ARG B 301 12.20 -32.24 14.88
C ARG B 301 13.40 -32.69 14.05
N PHE B 302 13.37 -32.43 12.73
CA PHE B 302 14.49 -32.82 11.88
C PHE B 302 15.60 -31.77 11.81
N ALA B 303 15.25 -30.50 12.06
CA ALA B 303 16.20 -29.40 11.96
C ALA B 303 16.47 -28.64 13.27
N ASN B 304 15.48 -28.58 14.18
CA ASN B 304 15.56 -27.70 15.35
C ASN B 304 15.35 -28.41 16.69
N ALA B 305 15.50 -29.72 16.68
CA ALA B 305 15.43 -30.55 17.88
C ALA B 305 16.76 -31.29 18.06
N LEU B 306 17.13 -31.50 19.32
CA LEU B 306 18.34 -32.22 19.64
C LEU B 306 17.97 -33.55 20.28
N TYR B 307 18.92 -34.47 20.19
CA TYR B 307 18.74 -35.83 20.67
C TYR B 307 20.12 -36.46 20.77
N PRO B 308 20.30 -37.36 21.74
CA PRO B 308 21.55 -38.11 21.67
C PRO B 308 21.48 -39.01 20.48
N PRO B 309 22.59 -39.13 19.75
CA PRO B 309 22.60 -39.99 18.57
C PRO B 309 22.62 -41.46 18.97
N GLY B 310 23.28 -41.76 20.08
CA GLY B 310 23.34 -43.12 20.59
C GLY B 310 24.20 -43.95 19.69
N SER B 311 23.92 -45.26 19.66
CA SER B 311 24.71 -46.23 18.89
C SER B 311 25.05 -45.81 17.43
N VAL B 312 24.27 -44.91 16.83
CA VAL B 312 24.51 -44.58 15.39
C VAL B 312 25.90 -43.98 15.15
N VAL B 313 26.47 -43.33 16.17
CA VAL B 313 27.81 -42.73 16.04
C VAL B 313 28.93 -43.77 16.04
N LYS B 314 28.60 -45.06 16.23
CA LYS B 314 29.61 -46.10 16.32
C LYS B 314 30.53 -46.25 15.10
N MET B 315 29.99 -46.09 13.90
CA MET B 315 30.86 -46.12 12.71
C MET B 315 31.96 -45.04 12.82
N GLY B 316 31.52 -43.81 13.14
CA GLY B 316 32.40 -42.65 13.27
C GLY B 316 33.45 -42.81 14.34
N VAL B 317 33.04 -43.33 15.49
CA VAL B 317 33.98 -43.62 16.55
C VAL B 317 34.97 -44.67 16.08
N GLY B 318 34.44 -45.75 15.54
CA GLY B 318 35.29 -46.79 14.97
C GLY B 318 36.31 -46.26 13.95
N LEU B 319 35.91 -45.26 13.16
CA LEU B 319 36.83 -44.61 12.21
C LEU B 319 38.02 -43.94 12.93
N SER B 320 37.68 -43.15 13.93
CA SER B 320 38.63 -42.58 14.86
C SER B 320 39.54 -43.66 15.44
N PHE B 321 38.97 -44.77 15.92
CA PHE B 321 39.84 -45.84 16.46
C PHE B 321 40.91 -46.26 15.44
N LEU B 322 40.48 -46.55 14.21
CA LEU B 322 41.37 -46.96 13.11
C LEU B 322 42.38 -45.89 12.82
N GLU B 323 41.95 -44.63 12.73
CA GLU B 323 42.93 -43.54 12.51
C GLU B 323 43.98 -43.48 13.62
N ASN B 324 43.52 -43.56 14.87
CA ASN B 324 44.35 -43.13 16.00
C ASN B 324 44.98 -44.24 16.85
N LEU B 325 44.65 -45.50 16.56
CA LEU B 325 45.15 -46.60 17.38
C LEU B 325 45.76 -47.67 16.47
N HIS B 326 46.65 -48.47 17.05
CA HIS B 326 47.29 -49.57 16.33
C HIS B 326 46.30 -50.72 16.30
N ILE B 327 45.33 -50.57 15.39
CA ILE B 327 44.17 -51.42 15.26
C ILE B 327 43.78 -51.49 13.80
N THR B 328 43.27 -52.64 13.39
CA THR B 328 42.48 -52.76 12.16
C THR B 328 41.03 -53.12 12.54
N GLU B 329 40.13 -52.90 11.60
CA GLU B 329 38.75 -53.31 11.76
C GLU B 329 38.66 -54.75 12.26
N ASN B 330 39.58 -55.61 11.79
CA ASN B 330 39.59 -57.04 12.14
C ASN B 330 40.27 -57.37 13.45
N THR B 331 40.82 -56.37 14.13
CA THR B 331 41.43 -56.58 15.42
C THR B 331 40.35 -57.03 16.36
N THR B 332 40.60 -58.16 17.00
CA THR B 332 39.60 -58.78 17.85
C THR B 332 39.99 -58.65 19.33
N ILE B 333 39.09 -58.09 20.14
CA ILE B 333 39.28 -58.08 21.61
C ILE B 333 38.14 -58.80 22.32
N PRO B 334 38.37 -59.24 23.58
CA PRO B 334 37.29 -59.80 24.39
C PRO B 334 36.38 -58.69 24.89
N THR B 335 35.12 -59.04 25.11
CA THR B 335 34.08 -58.03 25.38
C THR B 335 33.06 -58.59 26.36
N PRO B 336 33.46 -58.64 27.66
CA PRO B 336 32.54 -59.10 28.73
C PRO B 336 31.25 -58.24 28.84
N PRO B 337 30.31 -58.64 29.72
CA PRO B 337 29.10 -57.83 29.97
C PRO B 337 29.43 -56.42 30.46
N PHE B 338 30.55 -56.30 31.17
CA PHE B 338 30.99 -55.02 31.68
C PHE B 338 32.51 -54.95 31.83
N ILE B 339 33.03 -53.72 31.82
CA ILE B 339 34.35 -53.43 32.37
C ILE B 339 34.14 -52.35 33.42
N GLU B 340 35.20 -52.01 34.13
CA GLU B 340 35.13 -50.95 35.13
C GLU B 340 36.35 -50.03 35.04
N VAL B 341 36.24 -48.87 35.70
CA VAL B 341 37.34 -47.89 35.79
C VAL B 341 37.78 -47.68 37.24
N GLY B 342 36.82 -47.40 38.11
CA GLY B 342 37.05 -47.33 39.53
C GLY B 342 35.70 -47.47 40.20
N LYS B 343 35.02 -46.34 40.35
CA LYS B 343 33.72 -46.31 41.00
C LYS B 343 32.63 -46.97 40.14
N HIS B 344 32.62 -46.63 38.85
CA HIS B 344 31.57 -47.09 37.97
C HIS B 344 31.98 -48.31 37.16
N LYS B 345 30.96 -49.00 36.66
CA LYS B 345 31.11 -50.14 35.75
C LYS B 345 30.27 -49.83 34.51
N PHE B 346 30.80 -50.12 33.33
CA PHE B 346 30.12 -49.80 32.07
C PHE B 346 29.55 -51.07 31.41
N ARG B 347 28.22 -51.11 31.29
CA ARG B 347 27.48 -52.33 30.92
C ARG B 347 27.12 -52.40 29.42
N ASP B 348 27.06 -53.62 28.88
CA ASP B 348 26.72 -53.83 27.47
C ASP B 348 25.21 -53.82 27.37
N TRP B 349 24.67 -53.49 26.19
CA TRP B 349 23.21 -53.35 26.05
C TRP B 349 22.51 -54.58 26.60
N LYS B 350 23.09 -55.76 26.36
CA LYS B 350 22.63 -56.95 27.03
C LYS B 350 23.72 -57.58 27.89
N LYS B 351 23.27 -58.19 28.97
CA LYS B 351 24.13 -58.64 30.04
C LYS B 351 24.76 -60.02 29.76
N THR B 352 24.34 -60.68 28.68
CA THR B 352 24.99 -61.92 28.23
C THR B 352 26.45 -61.66 27.88
N GLY B 353 26.74 -60.44 27.42
CA GLY B 353 28.05 -60.11 26.87
C GLY B 353 28.06 -60.58 25.44
N HIS B 354 29.17 -60.37 24.73
CA HIS B 354 29.23 -60.76 23.32
C HIS B 354 30.36 -61.73 22.97
N GLY B 355 31.25 -62.01 23.91
CA GLY B 355 32.41 -62.88 23.67
C GLY B 355 33.54 -62.07 23.10
N ASN B 356 34.19 -62.55 22.05
CA ASN B 356 35.18 -61.74 21.34
C ASN B 356 34.52 -60.93 20.21
N SER B 357 35.07 -59.76 19.90
CA SER B 357 34.51 -58.94 18.83
C SER B 357 35.46 -57.89 18.27
N ASN B 358 35.54 -57.88 16.95
CA ASN B 358 36.21 -56.86 16.16
C ASN B 358 35.24 -55.71 15.73
N LEU B 359 35.69 -54.76 14.91
CA LEU B 359 34.82 -53.63 14.52
C LEU B 359 33.57 -54.04 13.69
N TYR B 360 33.73 -55.00 12.78
CA TYR B 360 32.60 -55.50 12.00
C TYR B 360 31.54 -56.01 12.96
N LYS B 361 31.93 -56.91 13.85
CA LYS B 361 31.01 -57.44 14.83
C LYS B 361 30.42 -56.34 15.75
N ALA B 362 31.27 -55.44 16.25
CA ALA B 362 30.80 -54.37 17.15
C ALA B 362 29.67 -53.55 16.54
N ILE B 363 29.85 -53.18 15.28
CA ILE B 363 28.82 -52.49 14.49
C ILE B 363 27.63 -53.41 14.26
N ARG B 364 27.92 -54.65 13.88
CA ARG B 364 26.88 -55.65 13.58
C ARG B 364 25.90 -55.82 14.72
N GLU B 365 26.41 -56.09 15.92
CA GLU B 365 25.56 -56.36 17.09
C GLU B 365 25.52 -55.21 18.12
N SER B 366 25.98 -54.00 17.71
CA SER B 366 25.91 -52.79 18.55
C SER B 366 26.57 -53.06 19.90
N VAL B 367 27.80 -53.55 19.87
CA VAL B 367 28.49 -53.96 21.11
C VAL B 367 29.02 -52.72 21.80
N ASP B 368 28.50 -52.41 22.99
CA ASP B 368 28.92 -51.20 23.68
C ASP B 368 30.36 -51.30 24.27
N VAL B 369 30.75 -52.49 24.70
CA VAL B 369 32.00 -52.67 25.41
C VAL B 369 33.25 -52.54 24.55
N TYR B 370 33.14 -52.89 23.26
CA TYR B 370 34.23 -52.63 22.30
C TYR B 370 34.62 -51.18 22.42
N PHE B 371 33.62 -50.31 22.33
CA PHE B 371 33.84 -48.88 22.29
C PHE B 371 34.23 -48.33 23.66
N TYR B 372 33.72 -48.94 24.72
CA TYR B 372 34.21 -48.59 26.06
C TYR B 372 35.68 -48.89 26.23
N LYS B 373 36.08 -50.08 25.79
CA LYS B 373 37.46 -50.53 25.93
C LYS B 373 38.46 -49.66 25.17
N PHE B 374 38.25 -49.43 23.88
CA PHE B 374 39.19 -48.59 23.12
C PHE B 374 38.99 -47.10 23.44
N GLY B 375 37.77 -46.77 23.89
CA GLY B 375 37.50 -45.43 24.45
C GLY B 375 38.51 -45.06 25.53
N LEU B 376 38.92 -46.05 26.32
CA LEU B 376 39.96 -45.87 27.36
C LEU B 376 41.27 -45.39 26.75
N GLU B 377 41.60 -45.92 25.58
CA GLU B 377 42.87 -45.66 24.94
C GLU B 377 42.85 -44.40 24.08
N ILE B 378 41.70 -44.08 23.48
CA ILE B 378 41.67 -42.90 22.59
C ILE B 378 41.62 -41.54 23.35
N SER B 379 42.24 -40.54 22.73
CA SER B 379 42.20 -39.18 23.23
C SER B 379 40.96 -38.47 22.74
N ILE B 380 40.24 -37.85 23.68
CA ILE B 380 39.00 -37.10 23.38
C ILE B 380 39.19 -36.05 22.29
N GLU B 381 40.38 -35.46 22.24
CA GLU B 381 40.72 -34.51 21.19
C GLU B 381 40.67 -35.23 19.86
N LYS B 382 41.34 -36.38 19.76
CA LYS B 382 41.38 -37.12 18.49
C LYS B 382 40.02 -37.71 18.14
N LEU B 383 39.23 -38.07 19.15
CA LEU B 383 37.87 -38.57 18.92
C LEU B 383 36.94 -37.48 18.39
N SER B 384 36.82 -36.40 19.16
CA SER B 384 35.95 -35.31 18.80
C SER B 384 36.31 -34.69 17.45
N LYS B 385 37.59 -34.78 17.06
CA LYS B 385 38.02 -34.36 15.73
C LYS B 385 37.31 -35.24 14.70
N THR B 386 37.43 -36.55 14.87
CA THR B 386 36.81 -37.45 13.94
C THR B 386 35.33 -37.14 13.91
N LEU B 387 34.72 -36.97 15.09
CA LEU B 387 33.28 -36.75 15.12
C LEU B 387 32.89 -35.46 14.40
N ARG B 388 33.50 -34.34 14.78
CA ARG B 388 33.27 -33.09 14.05
C ARG B 388 33.41 -33.30 12.55
N GLU B 389 34.51 -33.92 12.12
CA GLU B 389 34.75 -34.08 10.68
C GLU B 389 33.57 -34.66 9.94
N VAL B 390 33.05 -35.78 10.44
CA VAL B 390 31.91 -36.47 9.81
C VAL B 390 30.56 -35.76 10.02
N GLY B 391 30.56 -34.57 10.66
CA GLY B 391 29.41 -33.67 10.69
C GLY B 391 28.90 -33.16 12.04
N PHE B 392 29.16 -33.91 13.11
CA PHE B 392 28.42 -33.67 14.35
C PHE B 392 28.65 -32.34 15.04
N GLY B 393 29.67 -31.60 14.65
CA GLY B 393 29.90 -30.29 15.27
C GLY B 393 28.88 -29.26 14.81
N GLU B 394 29.06 -28.83 13.58
CA GLU B 394 28.39 -27.67 13.03
C GLU B 394 27.14 -28.03 12.20
N LYS B 395 26.59 -27.02 11.55
CA LYS B 395 25.38 -27.13 10.77
C LYS B 395 25.60 -27.92 9.48
N THR B 396 24.54 -28.63 9.07
CA THR B 396 24.50 -29.28 7.75
C THR B 396 24.40 -28.26 6.64
N GLY B 397 23.85 -27.08 6.94
CA GLY B 397 23.76 -25.96 5.97
C GLY B 397 22.49 -25.99 5.13
N VAL B 398 21.38 -26.27 5.79
CA VAL B 398 20.16 -26.57 5.09
C VAL B 398 19.45 -25.26 4.84
N ASP B 399 18.55 -25.22 3.86
CA ASP B 399 17.81 -23.99 3.51
C ASP B 399 16.71 -23.66 4.52
N LEU B 400 17.01 -23.68 5.80
CA LEU B 400 15.98 -23.35 6.74
C LEU B 400 16.55 -22.41 7.79
N PRO B 401 15.74 -21.42 8.21
CA PRO B 401 16.26 -20.50 9.21
C PRO B 401 16.72 -21.22 10.49
N ASN B 402 17.86 -20.80 11.01
CA ASN B 402 18.37 -21.33 12.27
C ASN B 402 18.31 -22.83 12.41
N GLU B 403 19.05 -23.52 11.57
CA GLU B 403 19.34 -24.91 11.82
C GLU B 403 20.10 -24.96 13.14
N PHE B 404 19.93 -26.05 13.87
CA PHE B 404 20.62 -26.25 15.13
C PHE B 404 21.92 -27.02 14.91
N VAL B 405 22.92 -26.64 15.69
CA VAL B 405 24.16 -27.40 15.82
C VAL B 405 24.06 -28.11 17.13
N GLY B 406 24.78 -29.22 17.23
CA GLY B 406 24.64 -30.10 18.36
C GLY B 406 25.68 -29.80 19.41
N ILE B 407 26.13 -30.85 20.06
CA ILE B 407 27.27 -30.72 20.92
C ILE B 407 28.18 -31.92 20.70
N VAL B 408 29.43 -31.65 20.37
CA VAL B 408 30.44 -32.68 20.42
C VAL B 408 31.30 -32.40 21.64
N PRO B 409 31.09 -33.18 22.68
CA PRO B 409 31.76 -32.85 23.88
C PRO B 409 33.24 -33.14 23.70
N ASP B 410 34.05 -32.09 23.86
CA ASP B 410 35.52 -32.21 23.88
C ASP B 410 36.07 -31.67 25.21
N ASN B 411 37.37 -31.45 25.26
CA ASN B 411 38.03 -31.02 26.48
C ASN B 411 38.28 -29.51 26.58
N LEU B 412 38.21 -28.76 25.49
CA LEU B 412 38.74 -27.38 25.50
C LEU B 412 38.02 -26.40 26.44
N TRP B 413 38.72 -25.27 26.72
CA TRP B 413 38.34 -24.32 27.79
C TRP B 413 38.33 -22.84 27.37
N LYS B 414 37.22 -22.16 27.67
CA LYS B 414 37.03 -20.71 27.43
C LYS B 414 36.87 -19.95 28.76
N LEU B 415 37.32 -18.70 28.80
CA LEU B 415 37.11 -17.85 29.98
C LEU B 415 35.66 -17.42 30.04
N LYS B 416 35.09 -17.13 28.87
CA LYS B 416 33.71 -16.69 28.78
C LYS B 416 32.71 -17.79 29.17
N ARG B 417 32.83 -18.96 28.54
CA ARG B 417 31.80 -20.00 28.57
C ARG B 417 31.88 -21.00 29.74
N PHE B 418 30.80 -21.75 29.96
CA PHE B 418 30.78 -22.84 30.93
C PHE B 418 31.60 -24.01 30.44
N ASN B 419 32.14 -24.79 31.36
CA ASN B 419 33.00 -25.92 31.03
C ASN B 419 32.62 -27.20 31.78
N GLN B 420 32.41 -28.28 31.03
CA GLN B 420 32.02 -29.56 31.65
C GLN B 420 33.15 -30.18 32.46
N ASP B 421 32.77 -30.97 33.46
CA ASP B 421 33.73 -31.78 34.20
C ASP B 421 34.12 -32.97 33.31
N TRP B 422 35.41 -33.21 33.09
CA TRP B 422 35.86 -34.37 32.29
C TRP B 422 36.80 -35.41 33.03
N ARG B 423 36.28 -36.62 33.26
CA ARG B 423 37.13 -37.80 33.63
C ARG B 423 37.34 -38.67 32.37
N VAL B 424 38.09 -39.77 32.52
CA VAL B 424 38.28 -40.75 31.43
C VAL B 424 36.94 -41.35 31.03
N GLY B 425 36.20 -41.85 32.01
CA GLY B 425 34.87 -42.40 31.77
C GLY B 425 33.95 -41.54 30.94
N ASP B 426 34.12 -40.21 30.98
CA ASP B 426 33.33 -39.29 30.13
C ASP B 426 33.56 -39.52 28.62
N THR B 427 34.77 -39.90 28.25
CA THR B 427 35.05 -40.27 26.88
C THR B 427 34.13 -41.45 26.54
N LEU B 428 34.20 -42.48 27.38
CA LEU B 428 33.52 -43.74 27.12
C LEU B 428 32.02 -43.57 26.86
N ILE B 429 31.37 -42.69 27.60
CA ILE B 429 29.94 -42.48 27.40
C ILE B 429 29.67 -41.77 26.06
N THR B 430 30.60 -40.88 25.69
CA THR B 430 30.58 -40.18 24.40
C THR B 430 30.85 -41.15 23.23
N ALA B 431 31.73 -42.11 23.46
CA ALA B 431 32.09 -43.09 22.43
C ALA B 431 30.89 -43.88 21.93
N ILE B 432 29.89 -44.07 22.79
CA ILE B 432 28.65 -44.75 22.37
C ILE B 432 27.51 -43.76 22.09
N GLY B 433 27.86 -42.47 21.99
CA GLY B 433 26.91 -41.44 21.55
C GLY B 433 25.87 -40.97 22.55
N GLN B 434 26.27 -40.86 23.82
CA GLN B 434 25.33 -40.38 24.83
C GLN B 434 26.00 -39.37 25.74
N GLY B 435 25.49 -39.19 26.97
CA GLY B 435 25.96 -38.12 27.81
C GLY B 435 25.75 -36.78 27.10
N SER B 436 26.75 -35.91 27.13
CA SER B 436 26.61 -34.56 26.57
C SER B 436 26.65 -34.49 25.04
N PHE B 437 26.51 -35.64 24.37
CA PHE B 437 26.55 -35.71 22.91
C PHE B 437 25.12 -35.56 22.36
N LEU B 438 24.85 -34.43 21.71
CA LEU B 438 23.55 -34.15 21.09
C LEU B 438 23.67 -33.78 19.60
N ALA B 439 22.70 -34.23 18.83
CA ALA B 439 22.75 -34.07 17.39
C ALA B 439 21.34 -33.97 16.80
N THR B 440 21.25 -33.39 15.61
CA THR B 440 19.97 -33.35 14.89
C THR B 440 19.88 -34.53 13.96
N PRO B 441 18.65 -34.93 13.60
CA PRO B 441 18.45 -35.91 12.53
C PRO B 441 19.14 -35.59 11.19
N LEU B 442 19.26 -34.31 10.87
CA LEU B 442 20.00 -33.90 9.68
C LEU B 442 21.50 -34.25 9.78
N GLN B 443 22.10 -34.02 10.95
CA GLN B 443 23.50 -34.36 11.14
C GLN B 443 23.71 -35.88 10.94
N VAL B 444 22.79 -36.68 11.49
CA VAL B 444 22.82 -38.14 11.36
C VAL B 444 22.67 -38.54 9.88
N LEU B 445 21.62 -38.01 9.24
CA LEU B 445 21.44 -38.15 7.80
C LEU B 445 22.72 -37.87 7.00
N ALA B 446 23.26 -36.66 7.15
CA ALA B 446 24.49 -36.22 6.43
C ALA B 446 25.69 -37.14 6.69
N TYR B 447 25.88 -37.49 7.98
CA TYR B 447 26.88 -38.49 8.42
C TYR B 447 26.71 -39.81 7.66
N THR B 448 25.49 -40.34 7.68
CA THR B 448 25.17 -41.54 6.90
C THR B 448 25.53 -41.36 5.40
N GLY B 449 25.15 -40.20 4.84
CA GLY B 449 25.49 -39.87 3.44
C GLY B 449 26.98 -39.90 3.17
N LEU B 450 27.75 -39.38 4.13
CA LEU B 450 29.23 -39.36 4.05
C LEU B 450 29.79 -40.75 4.14
N ILE B 451 29.29 -41.54 5.08
CA ILE B 451 29.74 -42.93 5.15
C ILE B 451 29.43 -43.65 3.85
N ALA B 452 28.24 -43.45 3.31
CA ALA B 452 27.89 -44.16 2.08
C ALA B 452 28.79 -43.83 0.87
N THR B 453 29.03 -42.54 0.62
CA THR B 453 29.70 -42.05 -0.60
C THR B 453 31.16 -41.58 -0.45
N GLY B 454 31.56 -41.16 0.73
CA GLY B 454 32.91 -40.58 0.95
C GLY B 454 32.96 -39.06 0.99
N LYS B 455 31.87 -38.43 0.52
CA LYS B 455 31.77 -36.97 0.53
C LYS B 455 30.51 -36.46 1.20
N LEU B 456 30.66 -35.38 1.96
CA LEU B 456 29.58 -34.80 2.74
C LEU B 456 28.66 -33.96 1.86
N ALA B 457 27.41 -34.38 1.79
CA ALA B 457 26.42 -33.65 1.03
C ALA B 457 25.80 -32.63 1.96
N THR B 458 25.34 -31.53 1.38
CA THR B 458 24.64 -30.51 2.14
C THR B 458 23.18 -30.75 1.85
N PRO B 459 22.40 -31.20 2.86
CA PRO B 459 20.98 -31.42 2.63
C PRO B 459 20.27 -30.13 2.30
N HIS B 460 19.56 -30.11 1.18
CA HIS B 460 18.76 -28.95 0.85
C HIS B 460 17.43 -29.33 0.19
N PHE B 461 16.53 -28.35 0.17
CA PHE B 461 15.20 -28.49 -0.41
C PHE B 461 15.16 -27.85 -1.77
N ALA B 462 15.50 -26.57 -1.83
CA ALA B 462 15.43 -25.79 -3.06
C ALA B 462 16.25 -26.38 -4.20
N ILE B 463 15.60 -26.95 -5.21
CA ILE B 463 16.31 -27.69 -6.25
C ILE B 463 17.50 -26.94 -6.86
N ASN B 464 17.41 -25.61 -6.97
CA ASN B 464 18.44 -24.84 -7.67
C ASN B 464 19.52 -24.27 -6.80
N ASN B 465 19.82 -24.91 -5.68
CA ASN B 465 21.06 -24.65 -4.96
C ASN B 465 22.10 -25.68 -5.31
N LYS B 466 22.81 -25.43 -6.38
CA LYS B 466 24.02 -26.14 -6.59
C LYS B 466 24.66 -26.14 -5.19
N GLN B 467 24.68 -27.33 -4.56
CA GLN B 467 25.32 -27.52 -3.25
C GLN B 467 26.47 -28.51 -3.39
N PRO B 468 27.69 -27.98 -3.66
CA PRO B 468 28.83 -28.83 -3.94
C PRO B 468 29.19 -29.73 -2.76
N LEU B 469 29.55 -30.98 -3.07
CA LEU B 469 29.84 -31.97 -2.06
C LEU B 469 31.12 -31.61 -1.39
N LYS B 470 31.07 -31.47 -0.07
CA LYS B 470 32.28 -31.13 0.68
C LYS B 470 33.09 -32.37 0.98
N ASP B 471 34.40 -32.21 1.08
CA ASP B 471 35.25 -33.35 1.35
C ASP B 471 36.06 -33.16 2.61
N PRO B 472 35.50 -33.56 3.75
CA PRO B 472 36.21 -33.38 5.00
C PRO B 472 37.16 -34.52 5.38
N LEU B 473 37.00 -35.70 4.77
CA LEU B 473 37.77 -36.88 5.16
C LEU B 473 38.94 -37.06 4.23
N ASN B 474 40.05 -37.56 4.77
CA ASN B 474 41.25 -37.80 3.98
C ASN B 474 41.30 -39.21 3.36
N SER B 475 42.23 -39.44 2.44
CA SER B 475 42.31 -40.71 1.67
C SER B 475 42.27 -41.97 2.54
N PHE B 476 42.98 -41.94 3.66
CA PHE B 476 42.98 -43.06 4.58
C PHE B 476 41.58 -43.30 5.17
N GLN B 477 40.86 -42.24 5.47
CA GLN B 477 39.53 -42.36 6.09
C GLN B 477 38.50 -42.91 5.07
N LYS B 478 38.47 -42.30 3.89
CA LYS B 478 37.63 -42.78 2.79
C LYS B 478 37.87 -44.24 2.54
N LYS B 479 39.14 -44.64 2.56
CA LYS B 479 39.48 -46.05 2.42
C LYS B 479 38.86 -46.86 3.56
N LYS B 480 38.94 -46.35 4.78
CA LYS B 480 38.43 -47.12 5.91
C LYS B 480 36.91 -47.09 6.04
N LEU B 481 36.23 -46.21 5.30
CA LEU B 481 34.75 -46.26 5.26
C LEU B 481 34.24 -47.63 4.75
N GLN B 482 35.02 -48.22 3.83
CA GLN B 482 34.69 -49.51 3.29
C GLN B 482 34.35 -50.51 4.36
N ALA B 483 35.15 -50.58 5.42
CA ALA B 483 34.84 -51.49 6.50
C ALA B 483 33.45 -51.16 7.04
N LEU B 484 33.29 -49.88 7.40
CA LEU B 484 32.09 -49.43 8.08
C LEU B 484 30.82 -49.76 7.31
N ARG B 485 30.86 -49.57 5.97
CA ARG B 485 29.70 -49.95 5.13
C ARG B 485 29.38 -51.44 5.30
N VAL B 486 30.41 -52.29 5.24
CA VAL B 486 30.23 -53.73 5.42
C VAL B 486 29.62 -53.99 6.78
N GLY B 487 30.18 -53.36 7.81
CA GLY B 487 29.55 -53.38 9.13
C GLY B 487 28.05 -53.09 9.05
N MET B 488 27.69 -51.93 8.52
CA MET B 488 26.26 -51.55 8.42
C MET B 488 25.43 -52.54 7.60
N TYR B 489 26.07 -53.18 6.61
CA TYR B 489 25.43 -54.22 5.79
C TYR B 489 25.16 -55.44 6.64
N GLU B 490 26.10 -55.79 7.51
CA GLU B 490 25.88 -56.91 8.41
C GLU B 490 24.70 -56.67 9.36
N VAL B 491 24.51 -55.43 9.81
CA VAL B 491 23.42 -55.11 10.76
C VAL B 491 22.06 -55.48 10.19
N CYS B 492 21.94 -55.28 8.86
CA CYS B 492 20.71 -55.51 8.11
C CYS B 492 20.65 -56.93 7.53
N ASN B 493 21.81 -57.51 7.18
CA ASN B 493 21.89 -58.74 6.35
C ASN B 493 22.57 -59.98 6.97
N HIS B 494 23.32 -59.81 8.05
CA HIS B 494 23.93 -60.94 8.77
C HIS B 494 22.92 -61.35 9.83
N LYS B 495 22.75 -62.66 10.05
CA LYS B 495 21.62 -63.13 10.88
C LYS B 495 21.71 -62.66 12.36
N ASP B 496 22.91 -62.28 12.80
CA ASP B 496 23.10 -61.71 14.14
C ASP B 496 23.00 -60.19 14.19
N GLY B 497 22.84 -59.55 13.03
CA GLY B 497 22.66 -58.10 12.98
C GLY B 497 21.39 -57.65 13.69
N THR B 498 21.49 -56.56 14.43
CA THR B 498 20.38 -56.07 15.28
C THR B 498 19.09 -55.81 14.50
N ALA B 499 19.23 -55.47 13.23
CA ALA B 499 18.09 -55.18 12.39
C ALA B 499 17.85 -56.28 11.37
N TYR B 500 18.22 -57.52 11.69
CA TYR B 500 18.04 -58.60 10.72
C TYR B 500 16.55 -58.98 10.57
N HIS B 501 15.94 -59.41 11.65
CA HIS B 501 14.52 -59.81 11.62
C HIS B 501 13.65 -58.56 11.42
N SER B 502 14.21 -57.41 11.72
CA SER B 502 13.54 -56.12 11.60
C SER B 502 13.27 -55.73 10.14
N THR B 503 14.28 -55.90 9.29
CA THR B 503 14.28 -55.31 7.93
C THR B 503 14.01 -56.31 6.80
N ARG B 504 13.32 -57.39 7.12
CA ARG B 504 13.06 -58.42 6.12
C ARG B 504 11.93 -57.98 5.22
N GLY B 505 11.97 -58.49 3.98
CA GLY B 505 10.99 -58.15 2.96
C GLY B 505 11.29 -56.88 2.18
N SER B 506 12.58 -56.59 1.97
CA SER B 506 13.02 -55.40 1.26
C SER B 506 13.42 -55.70 -0.17
N LYS B 507 12.83 -54.97 -1.12
CA LYS B 507 13.17 -55.13 -2.54
C LYS B 507 14.67 -54.89 -2.80
N ILE B 508 15.22 -53.80 -2.28
CA ILE B 508 16.65 -53.47 -2.48
C ILE B 508 17.47 -53.76 -1.21
N THR B 509 18.75 -54.10 -1.40
CA THR B 509 19.67 -54.38 -0.29
C THR B 509 19.97 -53.11 0.53
N LEU B 510 19.78 -53.23 1.84
CA LEU B 510 19.94 -52.11 2.77
C LEU B 510 21.16 -52.32 3.67
N ALA B 511 21.85 -51.24 3.95
CA ALA B 511 22.90 -51.21 4.95
C ALA B 511 22.46 -50.22 6.01
N CYS B 512 22.34 -50.64 7.26
CA CYS B 512 21.70 -49.80 8.27
C CYS B 512 22.39 -49.83 9.61
N LYS B 513 21.98 -48.93 10.48
CA LYS B 513 22.45 -48.89 11.84
C LYS B 513 21.36 -48.36 12.74
N THR B 514 21.11 -49.09 13.83
CA THR B 514 20.05 -48.79 14.77
C THR B 514 20.64 -48.08 15.94
N GLY B 515 19.81 -47.34 16.65
CA GLY B 515 20.28 -46.72 17.88
C GLY B 515 19.15 -46.41 18.81
N THR B 516 19.50 -46.11 20.06
CA THR B 516 18.55 -45.54 21.03
C THR B 516 19.16 -44.33 21.77
N ALA B 517 18.30 -43.39 22.15
CA ALA B 517 18.71 -42.22 22.90
C ALA B 517 18.04 -42.25 24.25
N GLN B 518 18.80 -42.01 25.31
CA GLN B 518 18.24 -41.91 26.66
C GLN B 518 17.56 -40.54 26.86
N VAL B 519 16.55 -40.49 27.73
CA VAL B 519 15.77 -39.27 27.99
C VAL B 519 15.91 -38.83 29.46
N HIS B 542 13.90 -42.88 23.07
CA HIS B 542 13.93 -42.56 21.63
C HIS B 542 14.67 -43.57 20.79
N ALA B 543 14.14 -43.91 19.61
CA ALA B 543 14.78 -44.90 18.71
C ALA B 543 15.20 -44.33 17.35
N TRP B 544 16.46 -44.60 16.99
CA TRP B 544 17.06 -44.23 15.71
C TRP B 544 17.16 -45.44 14.79
N ILE B 545 16.92 -45.22 13.51
CA ILE B 545 17.56 -46.09 12.50
C ILE B 545 18.08 -45.23 11.35
N THR B 546 19.27 -45.54 10.84
CA THR B 546 19.84 -44.71 9.75
C THR B 546 20.51 -45.62 8.74
N ALA B 547 20.40 -45.27 7.48
CA ALA B 547 20.66 -46.23 6.42
C ALA B 547 21.01 -45.58 5.09
N PHE B 548 21.54 -46.39 4.19
CA PHE B 548 21.80 -46.00 2.80
C PHE B 548 21.53 -47.18 1.90
N LEU B 549 21.30 -46.87 0.64
CA LEU B 549 20.97 -47.87 -0.37
C LEU B 549 21.14 -47.34 -1.79
N PRO B 550 21.25 -48.28 -2.75
CA PRO B 550 21.54 -49.70 -2.54
C PRO B 550 22.96 -49.92 -2.03
N TYR B 551 23.17 -51.00 -1.25
CA TYR B 551 24.51 -51.32 -0.69
C TYR B 551 25.58 -51.44 -1.78
N GLU B 552 25.29 -52.21 -2.81
CA GLU B 552 26.27 -52.43 -3.90
C GLU B 552 26.71 -51.11 -4.58
N LYS B 553 25.81 -50.13 -4.69
CA LYS B 553 26.15 -48.82 -5.29
C LYS B 553 25.26 -47.66 -4.73
N PRO B 554 25.58 -47.22 -3.49
CA PRO B 554 24.86 -46.23 -2.69
C PRO B 554 24.49 -44.92 -3.39
N LYS B 555 23.20 -44.57 -3.33
CA LYS B 555 22.71 -43.26 -3.82
C LYS B 555 21.93 -42.53 -2.74
N TYR B 556 21.05 -43.25 -2.04
CA TYR B 556 20.16 -42.59 -1.09
C TYR B 556 20.51 -42.84 0.33
N ALA B 557 20.09 -41.92 1.19
CA ALA B 557 20.26 -42.09 2.63
C ALA B 557 18.94 -41.88 3.29
N ILE B 558 18.65 -42.67 4.32
CA ILE B 558 17.42 -42.49 5.06
C ILE B 558 17.79 -42.41 6.53
N THR B 559 17.15 -41.50 7.24
CA THR B 559 17.38 -41.35 8.66
C THR B 559 16.01 -41.29 9.29
N ILE B 560 15.77 -42.12 10.31
CA ILE B 560 14.47 -42.20 10.99
C ILE B 560 14.60 -42.13 12.50
N LEU B 561 13.91 -41.15 13.07
CA LEU B 561 13.87 -41.00 14.51
C LEU B 561 12.43 -41.15 15.00
N VAL B 562 12.22 -42.08 15.91
CA VAL B 562 10.93 -42.16 16.58
C VAL B 562 11.11 -41.84 18.04
N GLU B 563 10.34 -40.88 18.55
CA GLU B 563 10.33 -40.60 19.99
C GLU B 563 9.58 -41.71 20.71
N HIS B 564 10.24 -42.35 21.66
CA HIS B 564 9.66 -43.43 22.44
C HIS B 564 9.27 -44.64 21.59
N GLY B 565 10.01 -44.83 20.49
CA GLY B 565 9.85 -46.01 19.64
C GLY B 565 10.59 -47.18 20.25
N GLU B 566 11.69 -46.87 20.97
CA GLU B 566 12.36 -47.78 21.91
C GLU B 566 13.00 -49.01 21.22
N GLY B 567 14.28 -48.87 20.85
CA GLY B 567 15.06 -49.96 20.25
C GLY B 567 15.74 -49.69 18.90
N GLY B 568 15.04 -50.04 17.82
CA GLY B 568 15.64 -50.10 16.46
C GLY B 568 15.06 -51.25 15.61
N SER B 569 14.63 -52.33 16.27
CA SER B 569 13.93 -53.47 15.61
C SER B 569 12.36 -53.40 15.68
N LYS B 570 11.83 -52.18 15.77
CA LYS B 570 10.47 -51.84 15.31
C LYS B 570 10.60 -50.93 14.07
N LEU B 571 11.68 -50.13 14.05
CA LEU B 571 11.90 -49.12 13.00
C LEU B 571 12.34 -49.72 11.67
N GLY B 572 12.99 -50.87 11.69
CA GLY B 572 13.40 -51.53 10.44
C GLY B 572 12.25 -51.74 9.46
N GLY B 573 11.07 -52.08 10.00
CA GLY B 573 9.83 -52.15 9.22
C GLY B 573 9.54 -50.86 8.45
N LEU B 574 9.81 -49.71 9.08
CA LEU B 574 9.63 -48.40 8.44
C LEU B 574 10.66 -48.19 7.37
N LEU B 575 11.90 -48.55 7.66
CA LEU B 575 12.96 -48.42 6.68
C LEU B 575 12.59 -49.22 5.45
N VAL B 576 12.18 -50.46 5.67
CA VAL B 576 11.78 -51.32 4.56
C VAL B 576 10.63 -50.68 3.75
N LYS B 577 9.63 -50.15 4.44
CA LYS B 577 8.47 -49.57 3.76
C LYS B 577 8.82 -48.42 2.82
N MET B 578 9.59 -47.47 3.36
CA MET B 578 10.03 -46.29 2.60
C MET B 578 11.02 -46.68 1.52
N SER B 579 11.94 -47.59 1.84
CA SER B 579 12.85 -48.10 0.82
C SER B 579 12.05 -48.69 -0.33
N ASN B 580 11.05 -49.50 -0.01
CA ASN B 580 10.22 -50.11 -1.06
C ASN B 580 9.39 -49.10 -1.86
N LYS B 581 8.83 -48.11 -1.18
CA LYS B 581 8.11 -47.06 -1.88
C LYS B 581 9.02 -46.31 -2.88
N LEU B 582 10.33 -46.24 -2.61
CA LEU B 582 11.29 -45.62 -3.54
C LEU B 582 11.48 -46.42 -4.83
N TYR B 583 11.69 -47.72 -4.66
CA TYR B 583 11.84 -48.63 -5.79
C TYR B 583 10.56 -48.64 -6.58
N GLU B 584 9.44 -48.75 -5.87
CA GLU B 584 8.12 -48.77 -6.49
C GLU B 584 7.87 -47.54 -7.41
N LEU B 585 8.36 -46.37 -7.01
CA LEU B 585 8.26 -45.16 -7.84
C LEU B 585 9.52 -44.93 -8.68
N GLY B 586 10.31 -45.98 -8.89
CA GLY B 586 11.43 -45.95 -9.82
C GLY B 586 12.56 -45.01 -9.49
N TYR B 587 12.85 -44.80 -8.20
CA TYR B 587 14.11 -44.12 -7.82
C TYR B 587 15.26 -45.14 -7.77
N LEU B 588 14.91 -46.42 -7.93
CA LEU B 588 15.84 -47.56 -7.94
C LEU B 588 15.31 -48.61 -8.92
#